data_7S9Z
#
_entry.id   7S9Z
#
_cell.length_a   1.00
_cell.length_b   1.00
_cell.length_c   1.00
_cell.angle_alpha   90.00
_cell.angle_beta   90.00
_cell.angle_gamma   90.00
#
_symmetry.space_group_name_H-M   'P 1'
#
loop_
_entity.id
_entity.type
_entity.pdbx_description
1 polymer 'Cytochrome c biogenesis protein'
2 non-polymer PHOSPHATIDYLETHANOLAMINE
3 non-polymer 'HEME B/C'
#
_entity_poly.entity_id   1
_entity_poly.type   'polypeptide(L)'
_entity_poly.pdbx_seq_one_letter_code
;MMNIIKTLFCSMKMVLLLIGIYATACGIATFIEKYEGTLAARLWVYDAFWFEILHIWLVACLIGCFITSKAWQRKKYASL
LLHASFIVIIIGAGITRYYGFEGLMNLREGQSVNFISTNTHYIFIQIKNPQGDVESVRIPTYIDEKVNHKINQHLTFFGK
PLTLHTEEFTAKQVNMSELFILNASIDFLGKNEKTLIMRDGNNAPTKENITMLEIEGYKIFLAWGIDNIALPFSIKLKKF
ELERYPGSNSPASYTSEVEVLDGQNPPLPFRIFMNNVLDYGGYRFFQSSYHPDEKGSILSVNNDPGKTPTYIGYAMLILG
VIWLLFDKNGRFATLGRFLKTQKFFSLMLCSALCYALSSPQIAYASTQSQTDFQPLSENEIPPLQDIPSMIKALADTSSL
TNDFDRILVQDFGGRIKPMHTLANEYIHKLTQQRTFKGLNPSQVFLGMLFYPQEWQSIQMIATKSPKLRQILGLDENQKH
IAYIDVFTPQGQYILQNYVEAANLKSPSLRDTFEKDVISVDERINYAFLIYTGQVLRIFPDNKSPNNQWLYPLQAISSAV
AQDDTKKAKELMQIYKKFAQGMQQGINTHNWQEAAQATRDIRTFQQNNGGSLLISPAKVDSEIWLNLYNPFYQLTYPYIF
ISIVLFIIVLVGILKNTPTRPLIHKVFYILLFALFILHTCGLGLRWYVSEHAPWSNAYESMLYIAWAAILSGVVFFRRSN
LALCASSFLAGMTLFVANLGDMDPQIGNLMPVLKSYWLNIHVSVITASYGFLGLCFMLGLITLIMFLLRNEKRSQVDCSI
LSLSALNEMSMILGLFLLSVGNFLGGIWANESWGRYWGWDSKETWALISIGVYAIILHLRFVVPKNFPFIFASASVIGFF
SVLMTYFGVNYYLTGMHSYAAGEAEPVPLWVELMVAGIILLIIIASRKRVLDMPHLHHHHHH
;
_entity_poly.pdbx_strand_id   A
#
# COMPACT_ATOMS: atom_id res chain seq x y z
N MET A 1 -33.48 -12.42 31.17
CA MET A 1 -32.33 -12.36 32.12
C MET A 1 -31.18 -13.22 31.61
N MET A 2 -29.97 -12.97 32.12
CA MET A 2 -28.78 -13.60 31.58
C MET A 2 -28.77 -15.11 31.77
N ASN A 3 -29.58 -15.64 32.68
CA ASN A 3 -29.54 -17.08 32.95
C ASN A 3 -29.85 -17.87 31.68
N ILE A 4 -30.80 -17.40 30.88
CA ILE A 4 -31.08 -18.06 29.60
C ILE A 4 -29.88 -17.94 28.68
N ILE A 5 -29.28 -16.75 28.62
CA ILE A 5 -28.10 -16.56 27.77
C ILE A 5 -26.98 -17.48 28.22
N LYS A 6 -26.91 -17.78 29.52
CA LYS A 6 -25.92 -18.73 29.98
C LYS A 6 -26.19 -20.12 29.44
N THR A 7 -27.47 -20.48 29.31
CA THR A 7 -27.82 -21.74 28.67
C THR A 7 -27.65 -21.67 27.16
N LEU A 8 -27.64 -20.46 26.58
CA LEU A 8 -27.12 -20.30 25.24
C LEU A 8 -25.61 -20.42 25.21
N PHE A 9 -24.96 -20.39 26.38
CA PHE A 9 -23.54 -20.64 26.52
C PHE A 9 -22.70 -19.55 25.88
N CYS A 10 -23.18 -18.32 25.88
CA CYS A 10 -22.36 -17.20 25.40
C CYS A 10 -21.25 -16.96 26.41
N SER A 11 -20.07 -17.46 26.10
CA SER A 11 -18.90 -17.25 26.94
C SER A 11 -17.67 -17.49 26.07
N MET A 12 -16.51 -17.19 26.64
CA MET A 12 -15.27 -17.26 25.88
C MET A 12 -15.16 -18.57 25.12
N LYS A 13 -15.66 -19.66 25.73
CA LYS A 13 -15.65 -20.96 25.07
C LYS A 13 -16.31 -20.88 23.70
N MET A 14 -17.35 -20.06 23.57
CA MET A 14 -18.07 -19.92 22.31
C MET A 14 -17.59 -18.76 21.46
N VAL A 15 -17.07 -17.71 22.10
CA VAL A 15 -16.53 -16.60 21.32
C VAL A 15 -15.36 -17.11 20.50
N LEU A 16 -14.52 -17.95 21.10
CA LEU A 16 -13.43 -18.54 20.35
C LEU A 16 -13.93 -19.30 19.13
N LEU A 17 -14.99 -20.10 19.31
CA LEU A 17 -15.51 -20.87 18.19
C LEU A 17 -16.05 -19.97 17.10
N LEU A 18 -16.75 -18.90 17.47
CA LEU A 18 -17.26 -18.00 16.45
C LEU A 18 -16.13 -17.34 15.68
N ILE A 19 -15.08 -16.91 16.39
CA ILE A 19 -13.96 -16.29 15.70
C ILE A 19 -13.29 -17.29 14.77
N GLY A 20 -13.16 -18.54 15.22
CA GLY A 20 -12.56 -19.56 14.37
C GLY A 20 -13.37 -19.81 13.12
N ILE A 21 -14.70 -19.87 13.27
CA ILE A 21 -15.58 -20.05 12.12
C ILE A 21 -15.40 -18.91 11.14
N TYR A 22 -15.43 -17.68 11.65
CA TYR A 22 -15.26 -16.52 10.77
C TYR A 22 -13.94 -16.57 10.03
N ALA A 23 -12.87 -16.94 10.74
CA ALA A 23 -11.56 -16.99 10.12
C ALA A 23 -11.50 -18.07 9.04
N THR A 24 -11.96 -19.27 9.36
CA THR A 24 -11.92 -20.34 8.36
C THR A 24 -12.75 -20.00 7.15
N ALA A 25 -13.87 -19.30 7.34
CA ALA A 25 -14.68 -18.89 6.21
C ALA A 25 -13.95 -17.88 5.34
N CYS A 26 -13.42 -16.82 5.96
CA CYS A 26 -12.70 -15.81 5.20
C CYS A 26 -11.45 -16.39 4.53
N GLY A 27 -10.93 -17.49 5.07
CA GLY A 27 -9.82 -18.17 4.43
C GLY A 27 -10.26 -18.95 3.21
N ILE A 28 -11.21 -19.88 3.40
CA ILE A 28 -11.68 -20.69 2.30
C ILE A 28 -12.19 -19.81 1.16
N ALA A 29 -12.67 -18.62 1.50
CA ALA A 29 -13.05 -17.66 0.46
C ALA A 29 -11.91 -17.42 -0.50
N THR A 30 -10.67 -17.40 -0.01
CA THR A 30 -9.53 -17.14 -0.88
C THR A 30 -9.38 -18.26 -1.92
N PHE A 31 -9.49 -19.51 -1.47
CA PHE A 31 -9.28 -20.62 -2.40
C PHE A 31 -10.42 -20.70 -3.41
N ILE A 32 -11.66 -20.47 -2.98
CA ILE A 32 -12.74 -20.47 -3.96
C ILE A 32 -12.62 -19.27 -4.89
N GLU A 33 -12.05 -18.16 -4.39
CA GLU A 33 -11.79 -17.02 -5.26
C GLU A 33 -10.83 -17.40 -6.37
N LYS A 34 -9.79 -18.16 -6.03
CA LYS A 34 -8.86 -18.61 -7.05
C LYS A 34 -9.53 -19.57 -8.02
N TYR A 35 -10.10 -20.66 -7.50
CA TYR A 35 -10.61 -21.70 -8.36
C TYR A 35 -11.80 -21.22 -9.19
N GLU A 36 -12.71 -20.46 -8.58
CA GLU A 36 -13.79 -19.86 -9.34
C GLU A 36 -13.33 -18.62 -10.10
N GLY A 37 -12.26 -17.98 -9.65
CA GLY A 37 -11.68 -16.88 -10.40
C GLY A 37 -12.62 -15.72 -10.63
N THR A 38 -13.70 -15.62 -9.88
CA THR A 38 -14.73 -14.63 -10.17
C THR A 38 -15.45 -14.25 -8.89
N LEU A 39 -16.38 -13.31 -9.04
CA LEU A 39 -17.22 -12.82 -7.95
C LEU A 39 -17.99 -13.95 -7.28
N ALA A 40 -18.03 -15.13 -7.91
CA ALA A 40 -18.74 -16.26 -7.33
C ALA A 40 -18.36 -16.50 -5.89
N ALA A 41 -17.09 -16.27 -5.54
CA ALA A 41 -16.68 -16.42 -4.16
C ALA A 41 -17.44 -15.46 -3.26
N ARG A 42 -17.58 -14.21 -3.70
CA ARG A 42 -18.41 -13.25 -2.97
C ARG A 42 -19.84 -13.77 -2.85
N LEU A 43 -20.33 -14.45 -3.88
CA LEU A 43 -21.66 -15.03 -3.83
C LEU A 43 -21.76 -16.05 -2.69
N TRP A 44 -20.72 -16.84 -2.48
CA TRP A 44 -20.81 -17.93 -1.52
C TRP A 44 -20.61 -17.46 -0.08
N VAL A 45 -19.69 -16.52 0.15
CA VAL A 45 -19.31 -16.18 1.52
C VAL A 45 -19.48 -14.71 1.86
N TYR A 46 -18.74 -13.84 1.16
CA TYR A 46 -18.57 -12.48 1.67
C TYR A 46 -19.88 -11.74 1.80
N ASP A 47 -20.81 -11.93 0.85
CA ASP A 47 -22.08 -11.23 0.86
C ASP A 47 -23.24 -12.16 1.24
N ALA A 48 -22.94 -13.41 1.57
CA ALA A 48 -23.98 -14.35 1.95
C ALA A 48 -24.57 -13.99 3.31
N PHE A 49 -25.70 -14.63 3.63
CA PHE A 49 -26.35 -14.39 4.90
C PHE A 49 -25.50 -14.87 6.08
N TRP A 50 -24.52 -15.74 5.83
CA TRP A 50 -23.67 -16.23 6.90
C TRP A 50 -23.18 -15.09 7.78
N PHE A 51 -22.42 -14.16 7.20
CA PHE A 51 -21.88 -13.07 8.00
C PHE A 51 -22.98 -12.16 8.49
N GLU A 52 -24.01 -11.95 7.68
CA GLU A 52 -25.10 -11.06 8.05
C GLU A 52 -25.80 -11.53 9.32
N ILE A 53 -25.61 -12.79 9.72
CA ILE A 53 -26.09 -13.25 11.01
C ILE A 53 -24.95 -13.41 12.02
N LEU A 54 -23.78 -13.83 11.54
CA LEU A 54 -22.68 -14.17 12.43
C LEU A 54 -22.13 -12.94 13.12
N HIS A 55 -22.11 -11.80 12.42
CA HIS A 55 -21.61 -10.58 13.05
C HIS A 55 -22.51 -10.14 14.20
N ILE A 56 -23.82 -10.28 14.05
CA ILE A 56 -24.74 -9.94 15.12
C ILE A 56 -24.54 -10.89 16.29
N TRP A 57 -24.42 -12.19 15.99
CA TRP A 57 -24.14 -13.16 17.04
C TRP A 57 -22.88 -12.78 17.80
N LEU A 58 -21.83 -12.38 17.06
CA LEU A 58 -20.56 -12.03 17.68
C LEU A 58 -20.71 -10.83 18.61
N VAL A 59 -21.33 -9.77 18.12
CA VAL A 59 -21.47 -8.56 18.94
C VAL A 59 -22.26 -8.87 20.20
N ALA A 60 -23.39 -9.56 20.04
CA ALA A 60 -24.21 -9.89 21.20
C ALA A 60 -23.40 -10.70 22.20
N CYS A 61 -22.57 -11.62 21.74
CA CYS A 61 -21.86 -12.47 22.71
C CYS A 61 -20.76 -11.66 23.38
N LEU A 62 -20.16 -10.73 22.67
CA LEU A 62 -19.16 -9.88 23.29
C LEU A 62 -19.82 -9.17 24.46
N ILE A 63 -20.99 -8.57 24.20
CA ILE A 63 -21.72 -7.89 25.25
C ILE A 63 -21.98 -8.84 26.42
N GLY A 64 -22.47 -10.04 26.11
CA GLY A 64 -22.78 -10.99 27.16
C GLY A 64 -21.55 -11.43 27.94
N CYS A 65 -20.42 -11.59 27.25
CA CYS A 65 -19.20 -12.00 27.95
C CYS A 65 -18.69 -10.92 28.87
N PHE A 66 -18.77 -9.66 28.44
CA PHE A 66 -18.40 -8.58 29.34
C PHE A 66 -19.33 -8.53 30.54
N ILE A 67 -20.63 -8.74 30.32
CA ILE A 67 -21.58 -8.73 31.42
C ILE A 67 -21.25 -9.83 32.42
N THR A 68 -21.10 -11.07 31.92
CA THR A 68 -20.86 -12.19 32.82
C THR A 68 -19.54 -12.04 33.55
N SER A 69 -18.55 -11.40 32.94
CA SER A 69 -17.29 -11.12 33.60
C SER A 69 -17.37 -9.91 34.51
N LYS A 70 -18.49 -9.21 34.50
CA LYS A 70 -18.70 -8.07 35.40
C LYS A 70 -17.65 -6.99 35.14
N ALA A 71 -17.31 -6.79 33.87
CA ALA A 71 -16.25 -5.87 33.51
C ALA A 71 -16.51 -4.43 33.96
N TRP A 72 -17.77 -4.07 34.18
CA TRP A 72 -18.10 -2.69 34.55
C TRP A 72 -18.25 -2.52 36.06
N GLN A 73 -18.28 -3.62 36.81
CA GLN A 73 -18.14 -3.51 38.26
C GLN A 73 -16.72 -3.13 38.61
N ARG A 74 -15.74 -3.85 38.04
CA ARG A 74 -14.38 -3.38 38.03
C ARG A 74 -14.27 -2.19 37.07
N LYS A 75 -13.21 -1.40 37.25
CA LYS A 75 -13.09 -0.15 36.52
C LYS A 75 -12.65 -0.38 35.08
N LYS A 76 -11.44 -0.90 34.90
CA LYS A 76 -11.04 -1.59 33.66
C LYS A 76 -11.33 -0.77 32.40
N TYR A 77 -11.45 0.54 32.51
CA TYR A 77 -12.04 1.33 31.44
C TYR A 77 -11.32 1.16 30.10
N ALA A 78 -9.99 1.06 30.12
CA ALA A 78 -9.27 1.05 28.85
C ALA A 78 -9.64 -0.16 27.99
N SER A 79 -9.81 -1.33 28.61
CA SER A 79 -10.20 -2.51 27.85
C SER A 79 -11.62 -2.36 27.34
N LEU A 80 -12.50 -1.74 28.13
CA LEU A 80 -13.85 -1.46 27.65
C LEU A 80 -13.82 -0.63 26.39
N LEU A 81 -13.04 0.44 26.38
CA LEU A 81 -12.92 1.28 25.19
C LEU A 81 -12.52 0.45 23.97
N LEU A 82 -11.62 -0.51 24.20
CA LEU A 82 -11.16 -1.34 23.11
C LEU A 82 -12.29 -2.18 22.53
N HIS A 83 -12.98 -2.95 23.35
CA HIS A 83 -14.06 -3.74 22.79
C HIS A 83 -15.26 -2.86 22.47
N ALA A 84 -15.26 -1.62 22.96
CA ALA A 84 -16.32 -0.72 22.60
C ALA A 84 -16.16 -0.37 21.15
N SER A 85 -14.93 -0.17 20.71
CA SER A 85 -14.68 0.20 19.33
C SER A 85 -15.16 -0.88 18.37
N PHE A 86 -14.67 -2.09 18.52
CA PHE A 86 -15.04 -3.14 17.56
C PHE A 86 -16.54 -3.17 17.32
N ILE A 87 -17.34 -2.94 18.35
CA ILE A 87 -18.78 -2.88 18.17
C ILE A 87 -19.13 -1.77 17.19
N VAL A 88 -18.52 -0.61 17.40
CA VAL A 88 -18.79 0.50 16.49
C VAL A 88 -18.35 0.16 15.07
N ILE A 89 -17.18 -0.48 14.94
CA ILE A 89 -16.67 -0.83 13.62
C ILE A 89 -17.65 -1.73 12.89
N ILE A 90 -18.10 -2.78 13.55
CA ILE A 90 -18.96 -3.76 12.89
C ILE A 90 -20.30 -3.15 12.54
N ILE A 91 -20.89 -2.38 13.46
CA ILE A 91 -22.18 -1.79 13.14
C ILE A 91 -22.04 -0.80 11.99
N GLY A 92 -20.87 -0.16 11.89
CA GLY A 92 -20.66 0.75 10.77
C GLY A 92 -20.59 0.02 9.44
N ALA A 93 -19.89 -1.11 9.44
CA ALA A 93 -19.86 -1.90 8.23
C ALA A 93 -21.29 -2.30 7.88
N GLY A 94 -22.05 -2.69 8.89
CA GLY A 94 -23.43 -3.09 8.67
C GLY A 94 -24.22 -2.03 7.92
N ILE A 95 -24.19 -0.79 8.43
CA ILE A 95 -24.94 0.26 7.75
C ILE A 95 -24.38 0.49 6.36
N THR A 96 -23.06 0.34 6.20
CA THR A 96 -22.44 0.48 4.90
C THR A 96 -22.98 -0.55 3.91
N ARG A 97 -23.37 -1.71 4.43
CA ARG A 97 -23.99 -2.72 3.58
C ARG A 97 -25.24 -2.18 2.91
N TYR A 98 -26.16 -1.64 3.69
CA TYR A 98 -27.45 -1.22 3.13
C TYR A 98 -27.46 0.10 2.39
N TYR A 99 -26.58 1.03 2.75
CA TYR A 99 -26.65 2.34 2.13
C TYR A 99 -25.42 2.68 1.27
N GLY A 100 -24.65 1.67 0.89
CA GLY A 100 -23.47 1.86 0.05
C GLY A 100 -23.69 1.91 -1.45
N PHE A 101 -24.19 3.03 -1.97
CA PHE A 101 -24.33 3.17 -3.42
C PHE A 101 -22.99 3.00 -4.11
N GLU A 102 -23.05 2.68 -5.41
CA GLU A 102 -21.85 2.54 -6.22
C GLU A 102 -22.20 2.69 -7.69
N GLY A 103 -21.22 3.09 -8.49
CA GLY A 103 -21.39 3.06 -9.93
C GLY A 103 -20.35 3.90 -10.64
N LEU A 104 -20.57 4.06 -11.95
CA LEU A 104 -19.70 4.84 -12.82
C LEU A 104 -20.47 6.01 -13.41
N MET A 105 -19.77 7.12 -13.64
CA MET A 105 -20.34 8.31 -14.24
C MET A 105 -19.59 8.60 -15.53
N ASN A 106 -20.33 8.67 -16.64
CA ASN A 106 -19.75 8.96 -17.95
C ASN A 106 -19.83 10.47 -18.20
N LEU A 107 -18.73 11.17 -17.94
CA LEU A 107 -18.64 12.58 -18.27
C LEU A 107 -18.24 12.74 -19.73
N ARG A 108 -18.94 13.63 -20.42
CA ARG A 108 -18.67 13.89 -21.83
C ARG A 108 -18.94 15.36 -22.12
N GLU A 109 -18.26 15.89 -23.13
CA GLU A 109 -18.32 17.32 -23.41
C GLU A 109 -19.75 17.75 -23.71
N GLY A 110 -20.20 18.79 -23.01
CA GLY A 110 -21.50 19.38 -23.27
C GLY A 110 -22.68 18.46 -23.01
N GLN A 111 -22.49 17.39 -22.25
CA GLN A 111 -23.56 16.42 -22.05
C GLN A 111 -24.49 16.78 -20.90
N SER A 112 -24.00 17.42 -19.85
CA SER A 112 -24.81 17.77 -18.69
C SER A 112 -25.51 16.53 -18.13
N VAL A 113 -24.70 15.61 -17.65
CA VAL A 113 -25.19 14.29 -17.25
C VAL A 113 -25.76 14.35 -15.84
N ASN A 114 -26.70 13.44 -15.56
CA ASN A 114 -27.29 13.31 -14.25
C ASN A 114 -27.23 11.89 -13.68
N PHE A 115 -26.88 10.89 -14.48
CA PHE A 115 -27.07 9.49 -14.12
C PHE A 115 -25.76 8.83 -13.72
N ILE A 116 -25.78 8.17 -12.57
CA ILE A 116 -24.79 7.13 -12.27
C ILE A 116 -25.18 5.84 -12.97
N SER A 117 -24.20 5.12 -13.49
CA SER A 117 -24.41 3.79 -14.03
C SER A 117 -23.78 2.78 -13.07
N THR A 118 -24.60 1.90 -12.50
CA THR A 118 -24.10 0.97 -11.50
C THR A 118 -23.32 -0.17 -12.15
N ASN A 119 -22.30 -0.63 -11.44
CA ASN A 119 -21.59 -1.84 -11.83
C ASN A 119 -22.27 -3.09 -11.28
N THR A 120 -23.08 -2.94 -10.24
CA THR A 120 -23.92 -4.03 -9.76
C THR A 120 -24.97 -4.39 -10.81
N HIS A 121 -24.99 -5.65 -11.23
CA HIS A 121 -25.96 -6.09 -12.21
C HIS A 121 -27.29 -6.44 -11.56
N TYR A 122 -28.35 -6.35 -12.35
CA TYR A 122 -29.70 -6.64 -11.89
C TYR A 122 -30.54 -7.19 -13.03
N ILE A 123 -31.55 -7.97 -12.66
CA ILE A 123 -32.60 -8.38 -13.59
C ILE A 123 -33.85 -7.59 -13.25
N PHE A 124 -34.71 -7.40 -14.25
CA PHE A 124 -35.89 -6.55 -14.13
C PHE A 124 -37.12 -7.38 -14.49
N ILE A 125 -38.17 -7.24 -13.68
CA ILE A 125 -39.46 -7.84 -13.98
C ILE A 125 -40.54 -6.80 -13.69
N GLN A 126 -41.46 -6.64 -14.63
CA GLN A 126 -42.58 -5.72 -14.44
C GLN A 126 -43.80 -6.28 -15.15
N ILE A 127 -44.96 -6.03 -14.57
CA ILE A 127 -46.24 -6.54 -15.08
C ILE A 127 -47.27 -5.42 -15.02
N LYS A 128 -47.98 -5.24 -16.12
CA LYS A 128 -49.03 -4.24 -16.14
C LYS A 128 -50.26 -4.96 -15.69
N ASN A 129 -50.55 -4.89 -14.39
CA ASN A 129 -51.71 -5.57 -13.85
C ASN A 129 -52.88 -5.17 -14.72
N PRO A 130 -53.91 -6.03 -14.79
CA PRO A 130 -55.02 -5.71 -15.68
C PRO A 130 -55.43 -4.26 -15.52
N GLN A 131 -55.23 -3.70 -14.32
CA GLN A 131 -55.50 -2.29 -14.09
C GLN A 131 -54.46 -1.41 -14.76
N GLY A 132 -53.73 -1.95 -15.74
CA GLY A 132 -52.74 -1.17 -16.46
C GLY A 132 -51.77 -0.47 -15.54
N ASP A 133 -51.53 -1.02 -14.36
CA ASP A 133 -50.63 -0.44 -13.37
C ASP A 133 -49.20 -0.90 -13.63
N VAL A 134 -48.29 -0.65 -12.68
CA VAL A 134 -46.86 -0.63 -12.96
C VAL A 134 -46.05 -1.48 -11.98
N GLU A 135 -46.68 -2.44 -11.33
CA GLU A 135 -45.99 -3.27 -10.34
C GLU A 135 -44.64 -3.75 -10.89
N SER A 136 -43.56 -3.37 -10.20
CA SER A 136 -42.19 -3.61 -10.66
C SER A 136 -41.31 -4.06 -9.50
N VAL A 137 -40.27 -4.80 -9.84
CA VAL A 137 -39.27 -5.27 -8.88
C VAL A 137 -37.90 -5.33 -9.55
N ARG A 138 -36.85 -5.16 -8.75
CA ARG A 138 -35.47 -5.34 -9.19
C ARG A 138 -34.82 -6.40 -8.31
N ILE A 139 -34.24 -7.42 -8.94
CA ILE A 139 -33.63 -8.55 -8.26
C ILE A 139 -32.15 -8.57 -8.61
N PRO A 140 -31.23 -8.68 -7.63
CA PRO A 140 -29.81 -8.63 -7.98
C PRO A 140 -29.33 -9.70 -8.95
N THR A 141 -29.45 -10.97 -8.58
CA THR A 141 -29.12 -12.07 -9.48
C THR A 141 -27.78 -11.84 -10.15
N TYR A 142 -26.73 -11.70 -9.33
CA TYR A 142 -25.41 -11.37 -9.83
C TYR A 142 -24.64 -12.58 -10.37
N ILE A 143 -25.21 -13.26 -11.38
CA ILE A 143 -24.44 -14.21 -12.17
C ILE A 143 -23.64 -13.46 -13.24
N ASP A 144 -22.52 -14.04 -13.65
CA ASP A 144 -21.90 -13.54 -14.87
C ASP A 144 -21.67 -14.59 -15.94
N GLU A 145 -20.72 -15.51 -15.75
CA GLU A 145 -20.55 -16.63 -16.67
C GLU A 145 -20.08 -17.90 -15.99
N LYS A 146 -19.29 -17.76 -14.91
CA LYS A 146 -18.76 -18.92 -14.21
C LYS A 146 -19.75 -19.52 -13.22
N VAL A 147 -20.81 -18.79 -12.91
CA VAL A 147 -21.84 -19.25 -11.99
C VAL A 147 -23.20 -18.87 -12.57
N ASN A 148 -24.17 -19.76 -12.43
CA ASN A 148 -25.50 -19.58 -13.00
C ASN A 148 -26.51 -20.03 -11.95
N HIS A 149 -26.97 -19.10 -11.13
CA HIS A 149 -27.76 -19.42 -9.96
C HIS A 149 -29.23 -19.59 -10.31
N LYS A 150 -29.90 -20.45 -9.54
CA LYS A 150 -31.34 -20.70 -9.67
C LYS A 150 -32.10 -19.67 -8.84
N ILE A 151 -32.75 -18.71 -9.51
CA ILE A 151 -33.45 -17.66 -8.79
C ILE A 151 -34.64 -18.22 -8.01
N ASN A 152 -34.99 -17.54 -6.92
CA ASN A 152 -36.05 -18.03 -6.04
C ASN A 152 -36.93 -16.89 -5.51
N GLN A 153 -37.12 -15.82 -6.28
CA GLN A 153 -37.87 -14.65 -5.83
C GLN A 153 -39.19 -14.58 -6.57
N HIS A 154 -40.29 -14.47 -5.82
CA HIS A 154 -41.63 -14.76 -6.32
C HIS A 154 -42.66 -13.73 -5.85
N LEU A 155 -42.38 -12.44 -6.03
CA LEU A 155 -43.19 -11.38 -5.42
C LEU A 155 -43.96 -10.57 -6.45
N THR A 156 -45.27 -10.47 -6.23
CA THR A 156 -46.14 -9.42 -6.78
C THR A 156 -47.46 -9.54 -6.05
N PHE A 157 -48.27 -8.48 -6.11
CA PHE A 157 -49.44 -8.38 -5.26
C PHE A 157 -50.72 -7.94 -5.97
N PHE A 158 -50.68 -7.63 -7.27
CA PHE A 158 -51.91 -7.32 -7.98
C PHE A 158 -52.88 -8.49 -7.96
N GLY A 159 -52.35 -9.70 -7.86
CA GLY A 159 -53.15 -10.91 -7.90
C GLY A 159 -52.35 -12.09 -7.40
N LYS A 160 -52.56 -13.25 -7.98
CA LYS A 160 -51.82 -14.43 -7.56
C LYS A 160 -50.32 -14.17 -7.75
N PRO A 161 -49.50 -14.33 -6.71
CA PRO A 161 -48.12 -13.81 -6.79
C PRO A 161 -47.29 -14.45 -7.90
N LEU A 162 -46.35 -13.66 -8.41
CA LEU A 162 -45.39 -14.12 -9.41
C LEU A 162 -44.49 -15.21 -8.84
N THR A 163 -43.99 -16.05 -9.72
CA THR A 163 -42.95 -17.02 -9.39
C THR A 163 -42.06 -17.21 -10.63
N LEU A 164 -40.77 -17.45 -10.39
CA LEU A 164 -39.79 -17.34 -11.46
C LEU A 164 -38.66 -18.35 -11.27
N HIS A 165 -38.03 -18.71 -12.38
CA HIS A 165 -36.91 -19.65 -12.39
C HIS A 165 -35.92 -19.26 -13.49
N THR A 166 -34.66 -19.67 -13.29
CA THR A 166 -33.59 -19.46 -14.27
C THR A 166 -32.90 -20.78 -14.57
N GLU A 167 -32.53 -21.01 -15.83
CA GLU A 167 -31.99 -22.30 -16.22
C GLU A 167 -30.53 -22.31 -16.67
N GLU A 168 -30.18 -21.55 -17.71
CA GLU A 168 -28.85 -21.71 -18.30
C GLU A 168 -28.45 -20.52 -19.15
N PHE A 169 -27.15 -20.19 -19.09
CA PHE A 169 -26.54 -19.09 -19.83
C PHE A 169 -26.17 -19.52 -21.24
N THR A 170 -27.20 -19.62 -22.10
CA THR A 170 -27.00 -20.03 -23.47
C THR A 170 -26.65 -18.86 -24.39
N ALA A 171 -25.59 -18.12 -24.06
CA ALA A 171 -25.26 -16.93 -24.83
C ALA A 171 -24.66 -17.28 -26.19
N LYS A 172 -24.78 -16.34 -27.13
CA LYS A 172 -24.32 -16.55 -28.50
C LYS A 172 -23.66 -15.31 -29.10
N GLN A 173 -22.97 -14.52 -28.28
CA GLN A 173 -22.46 -13.23 -28.72
C GLN A 173 -21.58 -13.37 -29.96
N VAL A 174 -21.56 -12.31 -30.78
CA VAL A 174 -20.70 -12.25 -31.95
C VAL A 174 -19.96 -10.91 -32.01
N ASN A 175 -20.29 -10.01 -31.08
CA ASN A 175 -19.64 -8.71 -30.95
C ASN A 175 -20.05 -7.74 -32.06
N MET A 176 -20.79 -8.23 -33.06
CA MET A 176 -21.64 -7.34 -33.84
C MET A 176 -22.95 -7.10 -33.09
N SER A 177 -23.40 -8.11 -32.35
CA SER A 177 -24.52 -7.99 -31.44
C SER A 177 -24.16 -8.73 -30.17
N GLU A 178 -24.47 -8.13 -29.02
CA GLU A 178 -24.05 -8.64 -27.72
C GLU A 178 -25.09 -9.61 -27.15
N LEU A 179 -25.20 -10.76 -27.82
CA LEU A 179 -26.21 -11.75 -27.52
C LEU A 179 -25.88 -12.56 -26.28
N PHE A 180 -26.01 -11.95 -25.10
CA PHE A 180 -25.85 -12.68 -23.85
C PHE A 180 -27.14 -13.46 -23.55
N ILE A 181 -27.50 -14.37 -24.45
CA ILE A 181 -28.77 -15.07 -24.35
C ILE A 181 -28.76 -16.00 -23.14
N LEU A 182 -29.90 -16.08 -22.46
CA LEU A 182 -30.08 -16.93 -21.31
C LEU A 182 -31.56 -17.31 -21.22
N ASN A 183 -31.83 -18.58 -20.91
CA ASN A 183 -33.18 -19.11 -20.91
C ASN A 183 -33.73 -19.18 -19.49
N ALA A 184 -35.02 -18.88 -19.35
CA ALA A 184 -35.67 -18.86 -18.04
C ALA A 184 -37.14 -19.22 -18.20
N SER A 185 -37.77 -19.52 -17.07
CA SER A 185 -39.19 -19.89 -17.03
C SER A 185 -39.88 -19.07 -15.96
N ILE A 186 -41.15 -18.77 -16.20
CA ILE A 186 -41.96 -17.94 -15.32
C ILE A 186 -43.29 -18.62 -15.07
N ASP A 187 -43.86 -18.40 -13.89
CA ASP A 187 -45.08 -19.06 -13.46
C ASP A 187 -46.16 -18.05 -13.11
N PHE A 188 -47.37 -18.28 -13.61
CA PHE A 188 -48.57 -17.59 -13.17
C PHE A 188 -49.71 -18.60 -13.13
N LEU A 189 -50.76 -18.27 -12.41
CA LEU A 189 -51.84 -19.22 -12.19
C LEU A 189 -52.31 -19.79 -13.52
N GLY A 190 -52.03 -21.08 -13.75
CA GLY A 190 -52.41 -21.74 -14.98
C GLY A 190 -51.75 -21.22 -16.23
N LYS A 191 -50.72 -20.37 -16.12
CA LYS A 191 -50.13 -19.71 -17.28
C LYS A 191 -48.60 -19.70 -17.23
N ASN A 192 -47.99 -20.76 -16.70
CA ASN A 192 -46.54 -20.85 -16.69
C ASN A 192 -45.98 -20.92 -18.11
N GLU A 193 -44.75 -20.43 -18.29
CA GLU A 193 -44.16 -20.31 -19.61
C GLU A 193 -42.64 -20.30 -19.51
N LYS A 194 -41.98 -20.52 -20.65
CA LYS A 194 -40.52 -20.48 -20.77
C LYS A 194 -40.12 -19.28 -21.61
N THR A 195 -38.92 -18.75 -21.33
CA THR A 195 -38.53 -17.44 -21.84
C THR A 195 -37.03 -17.39 -22.13
N LEU A 196 -36.65 -16.44 -22.97
CA LEU A 196 -35.24 -16.11 -23.25
C LEU A 196 -34.95 -14.68 -22.84
N ILE A 197 -33.79 -14.48 -22.21
CA ILE A 197 -33.46 -13.16 -21.66
C ILE A 197 -32.71 -12.31 -22.67
N MET A 198 -31.51 -12.76 -23.06
CA MET A 198 -30.65 -11.98 -23.95
C MET A 198 -30.31 -10.62 -23.36
N ARG A 199 -29.58 -10.62 -22.24
CA ARG A 199 -29.06 -9.37 -21.69
C ARG A 199 -28.30 -8.58 -22.74
N ASP A 200 -28.44 -7.26 -22.70
CA ASP A 200 -27.76 -6.37 -23.61
C ASP A 200 -26.34 -6.09 -23.10
N GLY A 201 -25.63 -5.24 -23.85
CA GLY A 201 -24.32 -4.82 -23.43
C GLY A 201 -24.34 -4.16 -22.06
N ASN A 202 -23.15 -4.07 -21.46
CA ASN A 202 -23.02 -3.48 -20.13
C ASN A 202 -23.29 -1.98 -20.10
N ASN A 203 -23.63 -1.37 -21.24
CA ASN A 203 -23.84 0.08 -21.25
C ASN A 203 -25.19 0.43 -20.65
N ALA A 204 -26.27 -0.07 -21.24
CA ALA A 204 -27.61 0.23 -20.76
C ALA A 204 -28.64 -0.68 -21.41
N PRO A 205 -29.58 -1.27 -20.65
CA PRO A 205 -30.62 -2.08 -21.27
C PRO A 205 -31.62 -1.22 -22.01
N THR A 206 -31.63 -1.34 -23.34
CA THR A 206 -32.62 -0.63 -24.15
C THR A 206 -33.25 -1.56 -25.18
N LYS A 207 -32.48 -2.52 -25.68
CA LYS A 207 -32.97 -3.45 -26.69
C LYS A 207 -33.75 -4.60 -26.07
N GLU A 208 -33.65 -4.76 -24.74
CA GLU A 208 -34.27 -5.87 -24.02
C GLU A 208 -35.76 -5.68 -23.81
N ASN A 209 -36.39 -4.88 -24.68
CA ASN A 209 -37.80 -4.52 -24.58
C ASN A 209 -38.68 -5.65 -25.10
N ILE A 210 -38.19 -6.89 -24.99
CA ILE A 210 -38.81 -8.06 -25.62
C ILE A 210 -40.32 -8.10 -25.43
N THR A 211 -40.82 -7.77 -24.24
CA THR A 211 -42.25 -7.89 -23.96
C THR A 211 -42.73 -9.32 -24.19
N MET A 212 -42.22 -10.23 -23.36
CA MET A 212 -42.40 -11.66 -23.63
C MET A 212 -43.86 -12.09 -23.62
N LEU A 213 -44.68 -11.47 -22.78
CA LEU A 213 -46.04 -11.94 -22.55
C LEU A 213 -46.99 -10.74 -22.57
N GLU A 214 -48.27 -10.97 -22.85
CA GLU A 214 -49.15 -9.80 -23.01
C GLU A 214 -50.46 -9.78 -22.21
N ILE A 215 -51.14 -10.92 -22.12
CA ILE A 215 -52.43 -10.94 -21.44
C ILE A 215 -52.45 -10.06 -20.20
N GLU A 216 -53.44 -9.17 -20.08
CA GLU A 216 -53.58 -8.37 -18.87
C GLU A 216 -53.56 -9.29 -17.66
N GLY A 217 -52.79 -8.89 -16.64
CA GLY A 217 -52.47 -9.81 -15.56
C GLY A 217 -51.41 -10.83 -15.92
N TYR A 218 -50.95 -10.82 -17.17
CA TYR A 218 -49.91 -11.71 -17.65
C TYR A 218 -48.86 -10.97 -18.49
N LYS A 219 -49.16 -9.76 -18.92
CA LYS A 219 -48.19 -8.96 -19.65
C LYS A 219 -46.91 -8.89 -18.84
N ILE A 220 -45.77 -9.12 -19.48
CA ILE A 220 -44.52 -9.15 -18.73
C ILE A 220 -43.38 -8.39 -19.39
N PHE A 221 -42.42 -7.97 -18.58
CA PHE A 221 -41.26 -7.26 -19.11
C PHE A 221 -40.03 -7.79 -18.39
N LEU A 222 -39.06 -8.31 -19.14
CA LEU A 222 -37.90 -8.91 -18.50
C LEU A 222 -36.65 -8.23 -19.02
N ALA A 223 -35.72 -7.93 -18.11
CA ALA A 223 -34.44 -7.39 -18.51
C ALA A 223 -33.37 -7.87 -17.55
N TRP A 224 -32.12 -7.85 -18.02
CA TRP A 224 -30.97 -8.26 -17.24
C TRP A 224 -29.81 -7.34 -17.59
N GLY A 225 -29.35 -6.57 -16.62
CA GLY A 225 -28.25 -5.65 -16.86
C GLY A 225 -28.21 -4.57 -15.80
N ILE A 226 -27.65 -3.43 -16.19
CA ILE A 226 -27.34 -2.35 -15.27
C ILE A 226 -28.54 -1.43 -15.09
N ASP A 227 -28.63 -0.83 -13.92
CA ASP A 227 -29.60 0.22 -13.63
C ASP A 227 -28.87 1.54 -13.44
N ASN A 228 -29.65 2.62 -13.36
CA ASN A 228 -29.14 3.97 -13.24
C ASN A 228 -29.79 4.69 -12.07
N ILE A 229 -29.07 5.66 -11.52
CA ILE A 229 -29.55 6.47 -10.40
C ILE A 229 -29.30 7.93 -10.72
N ALA A 230 -30.24 8.78 -10.32
CA ALA A 230 -30.19 10.20 -10.61
C ALA A 230 -29.64 10.98 -9.42
N LEU A 231 -28.66 11.84 -9.69
CA LEU A 231 -28.18 12.77 -8.70
C LEU A 231 -29.07 14.01 -8.63
N PRO A 232 -28.95 14.80 -7.57
CA PRO A 232 -29.70 16.05 -7.48
C PRO A 232 -29.05 17.22 -8.20
N PHE A 233 -27.95 16.99 -8.93
CA PHE A 233 -27.25 18.07 -9.60
C PHE A 233 -26.59 17.55 -10.87
N SER A 234 -26.36 18.45 -11.80
CA SER A 234 -25.76 18.11 -13.09
C SER A 234 -24.26 18.34 -13.07
N ILE A 235 -23.57 17.64 -13.97
CA ILE A 235 -22.12 17.76 -14.12
C ILE A 235 -21.79 17.82 -15.60
N LYS A 236 -20.78 18.63 -15.95
CA LYS A 236 -20.30 18.72 -17.32
C LYS A 236 -18.79 18.91 -17.33
N LEU A 237 -18.19 18.55 -18.45
CA LEU A 237 -16.77 18.81 -18.67
C LEU A 237 -16.56 20.23 -19.18
N LYS A 238 -15.45 20.84 -18.76
CA LYS A 238 -14.97 22.04 -19.44
C LYS A 238 -14.15 21.67 -20.65
N LYS A 239 -13.03 20.97 -20.43
CA LYS A 239 -12.24 20.41 -21.52
C LYS A 239 -11.32 19.31 -20.99
N PHE A 240 -11.52 18.08 -21.45
CA PHE A 240 -10.62 16.99 -21.11
C PHE A 240 -9.27 17.20 -21.76
N GLU A 241 -8.23 16.65 -21.14
CA GLU A 241 -6.87 16.80 -21.62
C GLU A 241 -6.06 15.57 -21.25
N LEU A 242 -5.12 15.20 -22.11
CA LEU A 242 -4.28 14.02 -21.88
C LEU A 242 -2.92 14.27 -22.52
N GLU A 243 -1.97 14.69 -21.69
CA GLU A 243 -0.62 14.95 -22.17
C GLU A 243 0.13 13.64 -22.43
N ARG A 244 1.13 13.73 -23.31
CA ARG A 244 1.96 12.60 -23.69
C ARG A 244 3.40 12.84 -23.25
N TYR A 245 4.10 11.75 -22.98
CA TYR A 245 5.55 11.81 -22.92
C TYR A 245 6.09 12.01 -24.33
N PRO A 246 7.09 12.88 -24.51
CA PRO A 246 7.49 13.21 -25.89
C PRO A 246 8.16 12.06 -26.62
N GLY A 247 8.90 11.22 -25.92
CA GLY A 247 9.70 10.19 -26.55
C GLY A 247 8.98 8.91 -26.91
N SER A 248 7.71 8.79 -26.54
CA SER A 248 6.95 7.58 -26.82
C SER A 248 5.53 7.84 -27.30
N ASN A 249 5.12 9.10 -27.42
CA ASN A 249 3.72 9.42 -27.74
C ASN A 249 2.77 8.68 -26.82
N SER A 250 3.19 8.46 -25.58
CA SER A 250 2.45 7.68 -24.61
C SER A 250 1.86 8.58 -23.53
N PRO A 251 0.72 8.21 -22.95
CA PRO A 251 0.00 9.14 -22.07
C PRO A 251 0.76 9.40 -20.77
N ALA A 252 0.75 10.65 -20.34
CA ALA A 252 1.38 11.05 -19.07
C ALA A 252 0.37 11.12 -17.93
N SER A 253 -0.60 12.04 -18.04
CA SER A 253 -1.46 12.33 -16.91
C SER A 253 -2.81 12.85 -17.40
N TYR A 254 -3.85 12.49 -16.66
CA TYR A 254 -5.22 12.89 -16.98
C TYR A 254 -5.56 14.21 -16.28
N THR A 255 -6.46 14.97 -16.91
CA THR A 255 -6.93 16.23 -16.34
C THR A 255 -8.35 16.49 -16.82
N SER A 256 -9.26 16.73 -15.87
CA SER A 256 -10.68 16.86 -16.19
C SER A 256 -11.13 18.31 -16.35
N GLU A 257 -10.95 19.13 -15.31
CA GLU A 257 -11.48 20.49 -15.33
C GLU A 257 -12.99 20.53 -15.57
N VAL A 258 -13.78 20.11 -14.59
CA VAL A 258 -15.23 19.95 -14.75
C VAL A 258 -15.95 21.12 -14.08
N GLU A 259 -17.27 21.15 -14.28
CA GLU A 259 -18.16 22.16 -13.75
C GLU A 259 -19.36 21.50 -13.09
N VAL A 260 -19.82 22.08 -11.98
CA VAL A 260 -21.01 21.63 -11.28
C VAL A 260 -22.02 22.76 -11.28
N LEU A 261 -23.29 22.41 -11.45
CA LEU A 261 -24.32 23.43 -11.60
C LEU A 261 -25.67 22.86 -11.19
N ASP A 262 -26.62 23.78 -10.94
CA ASP A 262 -27.97 23.44 -10.53
C ASP A 262 -28.92 24.50 -11.09
N GLY A 263 -30.21 24.23 -10.98
CA GLY A 263 -31.20 25.09 -11.62
C GLY A 263 -31.35 26.47 -11.02
N GLN A 264 -30.89 26.69 -9.79
CA GLN A 264 -30.90 28.04 -9.22
C GLN A 264 -29.56 28.38 -8.59
N ASN A 265 -28.82 27.36 -8.14
CA ASN A 265 -27.48 27.57 -7.60
C ASN A 265 -26.51 27.81 -8.75
N PRO A 266 -25.79 28.93 -8.80
CA PRO A 266 -24.93 29.20 -9.94
C PRO A 266 -23.85 28.13 -10.08
N PRO A 267 -23.38 27.88 -11.30
CA PRO A 267 -22.38 26.83 -11.51
C PRO A 267 -21.12 27.05 -10.67
N LEU A 268 -20.48 25.95 -10.30
CA LEU A 268 -19.18 25.98 -9.63
C LEU A 268 -18.15 25.25 -10.47
N PRO A 269 -17.04 25.88 -10.84
CA PRO A 269 -15.97 25.14 -11.52
C PRO A 269 -15.15 24.33 -10.53
N PHE A 270 -14.55 23.25 -11.03
CA PHE A 270 -13.71 22.42 -10.20
C PHE A 270 -12.66 21.74 -11.06
N ARG A 271 -11.51 21.45 -10.47
CA ARG A 271 -10.38 20.87 -11.17
C ARG A 271 -10.02 19.53 -10.57
N ILE A 272 -9.61 18.60 -11.43
CA ILE A 272 -9.31 17.23 -11.03
C ILE A 272 -8.04 16.75 -11.72
N PHE A 273 -6.92 16.72 -11.00
CA PHE A 273 -5.76 16.02 -11.50
C PHE A 273 -5.94 14.53 -11.25
N MET A 274 -5.13 13.73 -11.94
CA MET A 274 -5.37 12.29 -11.96
C MET A 274 -5.44 11.68 -10.57
N ASN A 275 -4.92 12.35 -9.54
CA ASN A 275 -4.98 11.87 -8.17
C ASN A 275 -6.02 12.59 -7.33
N ASN A 276 -6.61 13.67 -7.84
CA ASN A 276 -7.54 14.48 -7.08
C ASN A 276 -8.92 13.82 -7.03
N VAL A 277 -9.80 14.38 -6.20
CA VAL A 277 -11.16 13.91 -6.07
C VAL A 277 -12.10 15.11 -5.93
N LEU A 278 -13.35 14.90 -6.31
CA LEU A 278 -14.40 15.88 -6.14
C LEU A 278 -15.33 15.46 -5.01
N ASP A 279 -15.74 16.42 -4.19
CA ASP A 279 -16.74 16.18 -3.15
C ASP A 279 -17.63 17.40 -3.04
N TYR A 280 -18.90 17.23 -3.37
CA TYR A 280 -19.85 18.33 -3.28
C TYR A 280 -21.07 17.95 -2.45
N GLY A 281 -21.56 16.73 -2.63
CA GLY A 281 -22.65 16.21 -1.83
C GLY A 281 -22.15 15.18 -0.86
N GLY A 282 -22.96 14.13 -0.64
CA GLY A 282 -22.43 12.94 0.00
C GLY A 282 -21.61 12.10 -0.94
N TYR A 283 -21.81 12.30 -2.23
CA TYR A 283 -21.08 11.54 -3.22
C TYR A 283 -19.64 11.96 -3.32
N ARG A 284 -18.77 11.04 -3.69
CA ARG A 284 -17.37 11.38 -3.91
C ARG A 284 -17.02 10.86 -5.28
N PHE A 285 -16.14 11.55 -5.99
CA PHE A 285 -15.83 11.12 -7.36
C PHE A 285 -14.35 10.88 -7.61
N PHE A 286 -14.02 9.73 -8.19
CA PHE A 286 -12.63 9.41 -8.49
C PHE A 286 -12.49 9.30 -10.01
N GLN A 287 -11.58 10.09 -10.59
CA GLN A 287 -11.27 9.92 -12.00
C GLN A 287 -10.49 8.63 -12.19
N SER A 288 -11.02 7.72 -13.01
CA SER A 288 -10.45 6.39 -13.14
C SER A 288 -10.19 5.93 -14.56
N SER A 289 -10.85 6.50 -15.56
CA SER A 289 -10.64 6.04 -16.93
C SER A 289 -11.04 7.13 -17.90
N TYR A 290 -10.52 7.04 -19.12
CA TYR A 290 -10.82 7.97 -20.19
C TYR A 290 -11.23 7.21 -21.43
N HIS A 291 -12.19 7.75 -22.14
CA HIS A 291 -12.63 7.14 -23.38
C HIS A 291 -11.61 7.41 -24.48
N PRO A 292 -11.32 6.42 -25.33
CA PRO A 292 -10.24 6.58 -26.31
C PRO A 292 -10.51 7.62 -27.38
N ASP A 293 -11.73 8.16 -27.45
CA ASP A 293 -11.98 9.31 -28.30
C ASP A 293 -11.45 10.61 -27.69
N GLU A 294 -11.07 10.58 -26.42
CA GLU A 294 -10.43 11.71 -25.76
C GLU A 294 -11.33 12.96 -25.78
N LYS A 295 -12.63 12.73 -25.67
CA LYS A 295 -13.59 13.81 -25.45
C LYS A 295 -14.59 13.45 -24.35
N GLY A 296 -14.29 12.43 -23.57
CA GLY A 296 -15.11 12.07 -22.42
C GLY A 296 -14.30 11.26 -21.45
N SER A 297 -14.69 11.32 -20.18
CA SER A 297 -13.94 10.67 -19.13
C SER A 297 -14.90 10.07 -18.11
N ILE A 298 -14.46 8.99 -17.48
CA ILE A 298 -15.27 8.23 -16.53
C ILE A 298 -14.81 8.55 -15.12
N LEU A 299 -15.77 8.79 -14.24
CA LEU A 299 -15.52 8.99 -12.82
C LEU A 299 -16.12 7.82 -12.03
N SER A 300 -15.32 7.25 -11.13
CA SER A 300 -15.82 6.27 -10.19
C SER A 300 -16.52 6.98 -9.03
N VAL A 301 -17.67 6.46 -8.62
CA VAL A 301 -18.55 7.14 -7.67
C VAL A 301 -18.90 6.20 -6.53
N ASN A 302 -18.91 6.76 -5.31
CA ASN A 302 -19.32 6.02 -4.13
C ASN A 302 -20.00 6.97 -3.15
N ASN A 303 -20.96 6.42 -2.41
CA ASN A 303 -21.54 7.09 -1.25
C ASN A 303 -21.76 6.05 -0.18
N ASP A 304 -21.33 6.37 1.04
CA ASP A 304 -21.38 5.41 2.14
C ASP A 304 -21.43 6.17 3.45
N PRO A 305 -22.63 6.42 3.98
CA PRO A 305 -22.74 7.19 5.23
C PRO A 305 -22.09 6.51 6.41
N GLY A 306 -21.72 5.24 6.26
CA GLY A 306 -21.04 4.53 7.33
C GLY A 306 -19.63 5.00 7.60
N LYS A 307 -19.14 5.96 6.83
CA LYS A 307 -17.75 6.38 6.97
C LYS A 307 -17.44 7.01 8.32
N THR A 308 -18.24 7.98 8.75
CA THR A 308 -17.91 8.69 9.98
C THR A 308 -17.99 7.81 11.20
N PRO A 309 -18.99 6.94 11.37
CA PRO A 309 -18.99 6.07 12.55
C PRO A 309 -17.81 5.13 12.56
N THR A 310 -17.44 4.58 11.40
CA THR A 310 -16.29 3.69 11.35
C THR A 310 -15.01 4.43 11.70
N TYR A 311 -14.89 5.68 11.27
CA TYR A 311 -13.72 6.46 11.64
C TYR A 311 -13.69 6.73 13.14
N ILE A 312 -14.86 7.02 13.72
CA ILE A 312 -14.93 7.17 15.16
C ILE A 312 -14.46 5.89 15.84
N GLY A 313 -14.85 4.74 15.29
CA GLY A 313 -14.42 3.48 15.85
C GLY A 313 -12.92 3.30 15.76
N TYR A 314 -12.33 3.68 14.64
CA TYR A 314 -10.89 3.60 14.50
C TYR A 314 -10.19 4.47 15.54
N ALA A 315 -10.67 5.69 15.74
CA ALA A 315 -10.06 6.57 16.73
C ALA A 315 -10.18 5.98 18.12
N MET A 316 -11.37 5.46 18.47
CA MET A 316 -11.54 4.81 19.75
C MET A 316 -10.56 3.68 19.92
N LEU A 317 -10.35 2.89 18.86
CA LEU A 317 -9.43 1.76 18.94
C LEU A 317 -8.00 2.23 19.19
N ILE A 318 -7.56 3.25 18.47
CA ILE A 318 -6.21 3.78 18.67
C ILE A 318 -6.04 4.23 20.11
N LEU A 319 -6.98 5.04 20.60
CA LEU A 319 -6.86 5.55 21.96
C LEU A 319 -6.86 4.40 22.96
N GLY A 320 -7.71 3.39 22.71
CA GLY A 320 -7.76 2.26 23.62
C GLY A 320 -6.44 1.50 23.68
N VAL A 321 -5.85 1.24 22.51
CA VAL A 321 -4.57 0.54 22.49
C VAL A 321 -3.51 1.32 23.26
N ILE A 322 -3.38 2.61 22.94
CA ILE A 322 -2.37 3.41 23.61
C ILE A 322 -2.61 3.43 25.10
N TRP A 323 -3.88 3.50 25.51
CA TRP A 323 -4.19 3.60 26.93
C TRP A 323 -3.89 2.29 27.64
N LEU A 324 -4.27 1.18 27.03
CA LEU A 324 -4.06 -0.14 27.62
C LEU A 324 -2.59 -0.52 27.70
N LEU A 325 -1.76 0.00 26.80
CA LEU A 325 -0.35 -0.36 26.86
C LEU A 325 0.36 0.26 28.06
N PHE A 326 -0.28 1.19 28.76
CA PHE A 326 0.32 1.80 29.94
C PHE A 326 -0.51 1.68 31.21
N ASP A 327 -1.82 1.45 31.10
CA ASP A 327 -2.65 1.37 32.29
C ASP A 327 -2.20 0.22 33.17
N LYS A 328 -1.82 0.54 34.41
CA LYS A 328 -1.55 -0.51 35.39
C LYS A 328 -2.80 -1.34 35.63
N ASN A 329 -2.59 -2.55 36.14
CA ASN A 329 -3.62 -3.58 36.20
C ASN A 329 -4.01 -4.09 34.82
N GLY A 330 -3.34 -3.57 33.78
CA GLY A 330 -3.39 -4.22 32.48
C GLY A 330 -2.40 -5.37 32.42
N ARG A 331 -2.73 -6.37 31.60
CA ARG A 331 -1.91 -7.59 31.59
C ARG A 331 -0.49 -7.29 31.16
N PHE A 332 -0.30 -6.35 30.25
CA PHE A 332 1.05 -6.04 29.78
C PHE A 332 1.93 -5.55 30.92
N ALA A 333 1.47 -4.51 31.61
CA ALA A 333 2.25 -3.98 32.72
C ALA A 333 2.35 -4.98 33.86
N THR A 334 1.34 -5.82 34.03
CA THR A 334 1.39 -6.80 35.12
C THR A 334 2.47 -7.84 34.84
N LEU A 335 2.58 -8.30 33.60
CA LEU A 335 3.67 -9.20 33.24
C LEU A 335 5.01 -8.49 33.33
N GLY A 336 5.04 -7.20 33.01
CA GLY A 336 6.26 -6.44 33.22
C GLY A 336 6.68 -6.45 34.69
N ARG A 337 5.71 -6.24 35.58
CA ARG A 337 6.01 -6.29 37.00
C ARG A 337 6.48 -7.67 37.42
N PHE A 338 5.87 -8.72 36.87
CA PHE A 338 6.33 -10.07 37.18
C PHE A 338 7.79 -10.25 36.77
N LEU A 339 8.13 -9.82 35.56
CA LEU A 339 9.51 -9.92 35.11
C LEU A 339 10.44 -9.15 36.03
N LYS A 340 10.10 -7.91 36.35
CA LYS A 340 10.93 -7.13 37.26
C LYS A 340 11.07 -7.82 38.61
N THR A 341 10.05 -8.58 39.02
CA THR A 341 10.11 -9.29 40.30
C THR A 341 11.16 -10.39 40.27
N GLN A 342 11.28 -11.09 39.15
CA GLN A 342 12.23 -12.19 38.98
C GLN A 342 13.50 -11.75 38.28
N LYS A 343 13.96 -10.52 38.55
CA LYS A 343 15.19 -10.02 37.94
C LYS A 343 15.70 -8.81 38.71
N LEU A 384 34.64 2.36 -32.14
CA LEU A 384 34.93 3.46 -31.24
C LEU A 384 34.26 3.25 -29.89
N GLN A 385 34.75 3.91 -28.85
CA GLN A 385 33.96 4.05 -27.64
C GLN A 385 33.54 2.71 -27.08
N ASP A 386 34.44 1.98 -26.46
CA ASP A 386 34.08 0.67 -25.92
C ASP A 386 33.88 0.83 -24.43
N ILE A 387 33.08 -0.07 -23.86
CA ILE A 387 32.64 0.06 -22.48
C ILE A 387 33.80 -0.17 -21.51
N PRO A 388 34.54 -1.28 -21.64
CA PRO A 388 35.48 -1.65 -20.57
C PRO A 388 36.41 -0.52 -20.19
N SER A 389 36.62 -0.38 -18.88
CA SER A 389 37.53 0.61 -18.31
C SER A 389 37.04 2.04 -18.53
N MET A 390 35.84 2.20 -19.10
CA MET A 390 35.22 3.52 -19.09
C MET A 390 34.71 3.87 -17.69
N ILE A 391 34.22 2.86 -16.96
CA ILE A 391 33.79 3.09 -15.58
C ILE A 391 34.93 3.73 -14.79
N LYS A 392 36.13 3.18 -14.91
CA LYS A 392 37.30 3.75 -14.26
C LYS A 392 37.54 5.18 -14.74
N ALA A 393 37.57 5.38 -16.06
CA ALA A 393 37.88 6.68 -16.62
C ALA A 393 36.93 7.75 -16.12
N LEU A 394 35.68 7.37 -15.86
CA LEU A 394 34.74 8.31 -15.25
C LEU A 394 35.02 8.49 -13.77
N ALA A 395 35.24 7.39 -13.06
CA ALA A 395 35.22 7.42 -11.61
C ALA A 395 36.41 8.20 -11.04
N ASP A 396 37.62 7.89 -11.51
CA ASP A 396 38.83 8.26 -10.76
C ASP A 396 39.25 9.71 -11.02
N THR A 397 38.27 10.61 -11.09
CA THR A 397 38.61 12.01 -11.36
C THR A 397 38.09 12.98 -10.30
N SER A 398 36.77 13.07 -10.18
CA SER A 398 36.07 13.88 -9.17
C SER A 398 36.24 15.40 -9.36
N SER A 399 37.20 15.82 -10.19
CA SER A 399 37.49 17.24 -10.30
C SER A 399 36.31 17.99 -10.88
N LEU A 400 35.81 17.56 -12.04
CA LEU A 400 34.66 18.21 -12.62
C LEU A 400 33.48 18.14 -11.69
N THR A 401 33.15 16.94 -11.20
CA THR A 401 31.98 16.79 -10.35
C THR A 401 31.97 17.85 -9.25
N ASN A 402 33.14 18.10 -8.65
CA ASN A 402 33.23 19.07 -7.56
C ASN A 402 32.66 20.43 -7.93
N ASP A 403 32.57 20.76 -9.22
CA ASP A 403 32.07 22.05 -9.70
C ASP A 403 30.80 21.93 -10.51
N PHE A 404 30.64 20.86 -11.27
CA PHE A 404 29.42 20.68 -12.06
C PHE A 404 28.23 20.44 -11.15
N ASP A 405 28.48 19.90 -9.95
CA ASP A 405 27.42 19.84 -8.95
C ASP A 405 26.87 21.23 -8.64
N ARG A 406 27.68 22.28 -8.86
CA ARG A 406 27.35 23.63 -8.43
C ARG A 406 26.52 24.39 -9.46
N ILE A 407 26.26 23.82 -10.63
CA ILE A 407 25.42 24.51 -11.62
C ILE A 407 23.98 24.47 -11.15
N LEU A 408 23.22 25.50 -11.52
CA LEU A 408 21.81 25.57 -11.21
C LEU A 408 21.00 25.12 -12.42
N VAL A 409 19.99 24.29 -12.19
CA VAL A 409 19.19 23.71 -13.26
C VAL A 409 17.76 23.54 -12.81
N GLN A 410 16.84 23.50 -13.77
CA GLN A 410 15.42 23.35 -13.51
C GLN A 410 14.99 21.90 -13.63
N ASP A 411 14.06 21.49 -12.77
CA ASP A 411 13.43 20.18 -12.87
C ASP A 411 12.34 20.11 -13.93
N PHE A 412 11.98 21.23 -14.53
CA PHE A 412 10.82 21.38 -15.41
C PHE A 412 9.51 20.98 -14.74
N GLY A 413 9.51 20.73 -13.45
CA GLY A 413 8.29 20.76 -12.68
C GLY A 413 7.96 22.21 -12.37
N GLY A 414 9.02 23.02 -12.26
CA GLY A 414 8.90 24.43 -11.98
C GLY A 414 9.92 24.90 -10.98
N ARG A 415 10.75 23.98 -10.47
CA ARG A 415 11.65 24.24 -9.36
C ARG A 415 13.10 24.25 -9.86
N ILE A 416 13.83 25.30 -9.47
CA ILE A 416 15.28 25.29 -9.61
C ILE A 416 15.88 24.29 -8.64
N LYS A 417 17.00 23.69 -9.03
CA LYS A 417 17.71 22.73 -8.20
C LYS A 417 19.19 22.81 -8.52
N PRO A 418 20.05 22.50 -7.54
CA PRO A 418 21.46 22.25 -7.86
C PRO A 418 21.63 20.89 -8.55
N MET A 419 22.47 20.86 -9.57
CA MET A 419 22.61 19.65 -10.38
C MET A 419 22.72 18.37 -9.59
N HIS A 420 23.52 18.37 -8.55
CA HIS A 420 23.76 17.13 -7.85
C HIS A 420 22.46 16.45 -7.47
N THR A 421 21.49 17.21 -6.95
CA THR A 421 20.24 16.60 -6.49
C THR A 421 19.40 16.11 -7.67
N LEU A 422 19.29 16.90 -8.73
CA LEU A 422 18.49 16.46 -9.88
C LEU A 422 19.06 15.19 -10.49
N ALA A 423 20.38 15.16 -10.70
CA ALA A 423 20.99 13.97 -11.27
C ALA A 423 20.86 12.79 -10.33
N ASN A 424 21.01 13.04 -9.03
CA ASN A 424 20.79 12.01 -8.03
C ASN A 424 19.40 11.41 -8.19
N GLU A 425 18.38 12.26 -8.29
CA GLU A 425 17.01 11.79 -8.41
C GLU A 425 16.80 11.00 -9.68
N TYR A 426 17.30 11.52 -10.81
CA TYR A 426 17.10 10.83 -12.08
C TYR A 426 17.76 9.46 -12.08
N ILE A 427 19.02 9.40 -11.66
CA ILE A 427 19.73 8.13 -11.62
C ILE A 427 19.07 7.18 -10.63
N HIS A 428 18.55 7.70 -9.52
CA HIS A 428 17.92 6.83 -8.55
C HIS A 428 16.62 6.24 -9.08
N LYS A 429 15.85 7.02 -9.83
CA LYS A 429 14.61 6.46 -10.37
C LYS A 429 14.88 5.57 -11.57
N LEU A 430 15.97 5.79 -12.30
CA LEU A 430 16.34 4.83 -13.33
C LEU A 430 16.91 3.56 -12.71
N THR A 431 17.91 3.70 -11.86
CA THR A 431 18.47 2.59 -11.10
C THR A 431 18.09 2.77 -9.64
N GLN A 432 17.25 1.88 -9.13
CA GLN A 432 16.82 1.97 -7.75
C GLN A 432 17.97 1.76 -6.78
N GLN A 433 19.10 1.24 -7.26
CA GLN A 433 20.29 1.14 -6.42
C GLN A 433 20.77 2.53 -6.06
N ARG A 434 21.04 2.74 -4.77
CA ARG A 434 21.56 4.03 -4.32
C ARG A 434 22.82 4.41 -5.09
N THR A 435 23.56 3.41 -5.58
CA THR A 435 24.72 3.65 -6.42
C THR A 435 24.84 2.49 -7.40
N PHE A 436 25.36 2.78 -8.59
CA PHE A 436 25.56 1.78 -9.62
C PHE A 436 26.87 1.04 -9.35
N LYS A 437 27.30 0.21 -10.32
CA LYS A 437 28.62 -0.42 -10.25
C LYS A 437 29.68 0.54 -9.75
N GLY A 438 29.51 1.82 -10.02
CA GLY A 438 30.37 2.85 -9.48
C GLY A 438 29.71 4.18 -9.67
N LEU A 439 30.54 5.21 -9.86
CA LEU A 439 30.04 6.47 -10.41
C LEU A 439 28.94 7.11 -9.59
N ASN A 440 29.29 7.65 -8.44
CA ASN A 440 28.39 8.56 -7.74
C ASN A 440 27.52 9.30 -8.75
N PRO A 441 26.22 9.42 -8.51
CA PRO A 441 25.27 9.68 -9.61
C PRO A 441 25.73 10.67 -10.65
N SER A 442 26.40 11.75 -10.25
CA SER A 442 26.77 12.76 -11.22
C SER A 442 27.74 12.20 -12.26
N GLN A 443 28.58 11.24 -11.86
CA GLN A 443 29.54 10.66 -12.78
C GLN A 443 28.82 9.86 -13.87
N VAL A 444 27.88 9.00 -13.49
CA VAL A 444 27.14 8.24 -14.48
C VAL A 444 26.28 9.18 -15.32
N PHE A 445 25.85 10.29 -14.74
CA PHE A 445 25.07 11.27 -15.50
C PHE A 445 25.91 11.85 -16.63
N LEU A 446 27.11 12.34 -16.30
CA LEU A 446 28.02 12.82 -17.34
C LEU A 446 28.29 11.71 -18.36
N GLY A 447 28.55 10.50 -17.88
CA GLY A 447 28.86 9.40 -18.78
C GLY A 447 27.76 9.14 -19.80
N MET A 448 26.53 9.02 -19.31
CA MET A 448 25.41 8.80 -20.22
C MET A 448 25.24 9.98 -21.16
N LEU A 449 25.59 11.19 -20.73
CA LEU A 449 25.41 12.35 -21.60
C LEU A 449 26.40 12.37 -22.74
N PHE A 450 27.67 12.06 -22.46
CA PHE A 450 28.73 12.30 -23.42
C PHE A 450 29.44 11.03 -23.84
N TYR A 451 28.98 9.88 -23.39
CA TYR A 451 29.33 8.59 -23.99
C TYR A 451 28.05 7.77 -24.16
N PRO A 452 27.06 8.31 -24.88
CA PRO A 452 25.71 7.73 -24.80
C PRO A 452 25.61 6.31 -25.34
N GLN A 453 26.03 6.07 -26.58
CA GLN A 453 25.70 4.81 -27.23
C GLN A 453 26.18 3.62 -26.43
N GLU A 454 27.21 3.80 -25.60
CA GLU A 454 27.66 2.71 -24.75
C GLU A 454 26.67 2.46 -23.61
N TRP A 455 26.38 3.49 -22.83
CA TRP A 455 25.39 3.34 -21.77
C TRP A 455 24.06 2.84 -22.34
N GLN A 456 23.83 3.06 -23.64
CA GLN A 456 22.60 2.61 -24.25
C GLN A 456 22.50 1.08 -24.23
N SER A 457 23.63 0.39 -24.20
CA SER A 457 23.65 -1.07 -24.10
C SER A 457 23.80 -1.56 -22.67
N ILE A 458 23.95 -0.66 -21.71
CA ILE A 458 24.06 -1.03 -20.31
C ILE A 458 22.68 -1.31 -19.76
N GLN A 459 22.58 -2.30 -18.86
CA GLN A 459 21.31 -2.67 -18.27
C GLN A 459 20.96 -1.75 -17.10
N MET A 460 20.58 -0.51 -17.40
CA MET A 460 20.27 0.45 -16.35
C MET A 460 18.88 0.22 -15.75
N ILE A 461 17.85 0.22 -16.61
CA ILE A 461 16.47 0.32 -16.14
C ILE A 461 16.13 -0.89 -15.29
N ALA A 462 15.54 -0.65 -14.12
CA ALA A 462 15.06 -1.70 -13.26
C ALA A 462 13.67 -2.16 -13.66
N THR A 463 13.39 -3.45 -13.47
CA THR A 463 12.07 -4.01 -13.71
C THR A 463 11.75 -5.07 -12.67
N LYS A 464 10.52 -5.02 -12.14
CA LYS A 464 10.11 -5.97 -11.10
C LYS A 464 9.64 -7.30 -11.66
N SER A 465 8.56 -7.28 -12.44
CA SER A 465 7.86 -8.51 -12.76
C SER A 465 8.57 -9.26 -13.89
N PRO A 466 8.66 -10.60 -13.81
CA PRO A 466 9.18 -11.35 -14.95
C PRO A 466 8.25 -11.36 -16.14
N LYS A 467 6.94 -11.19 -15.92
CA LYS A 467 5.99 -11.21 -17.01
C LYS A 467 6.31 -10.13 -18.04
N LEU A 468 6.70 -8.95 -17.57
CA LEU A 468 7.04 -7.87 -18.49
C LEU A 468 8.29 -8.22 -19.29
N ARG A 469 9.31 -8.74 -18.62
CA ARG A 469 10.53 -9.16 -19.31
C ARG A 469 10.24 -10.27 -20.30
N GLN A 470 9.17 -11.03 -20.08
CA GLN A 470 8.78 -12.07 -21.02
C GLN A 470 8.48 -11.49 -22.39
N ILE A 471 7.99 -10.24 -22.45
CA ILE A 471 7.77 -9.60 -23.74
C ILE A 471 9.09 -9.23 -24.37
N LEU A 472 10.00 -8.66 -23.58
CA LEU A 472 11.30 -8.25 -24.09
C LEU A 472 12.28 -9.41 -24.23
N GLY A 473 11.99 -10.55 -23.60
CA GLY A 473 12.86 -11.70 -23.69
C GLY A 473 13.99 -11.67 -22.68
N LEU A 474 14.82 -12.70 -22.74
CA LEU A 474 15.91 -12.89 -21.78
C LEU A 474 15.36 -13.02 -20.37
N ASP A 475 14.33 -13.84 -20.23
CA ASP A 475 13.55 -13.93 -18.99
C ASP A 475 14.24 -14.86 -17.97
N GLU A 476 15.46 -14.49 -17.62
CA GLU A 476 16.13 -15.08 -16.47
C GLU A 476 15.66 -14.34 -15.21
N ASN A 477 16.35 -14.56 -14.10
CA ASN A 477 16.02 -13.83 -12.88
C ASN A 477 16.67 -12.46 -12.92
N GLN A 478 16.42 -11.72 -14.00
CA GLN A 478 17.10 -10.44 -14.21
C GLN A 478 16.47 -9.34 -13.37
N LYS A 479 17.30 -8.39 -12.95
CA LYS A 479 16.84 -7.20 -12.26
C LYS A 479 16.75 -5.98 -13.15
N HIS A 480 17.47 -5.98 -14.27
CA HIS A 480 17.58 -4.79 -15.11
C HIS A 480 17.47 -5.16 -16.57
N ILE A 481 17.23 -4.13 -17.40
CA ILE A 481 17.14 -4.26 -18.84
C ILE A 481 17.93 -3.13 -19.48
N ALA A 482 18.36 -3.35 -20.72
CA ALA A 482 19.07 -2.33 -21.47
C ALA A 482 18.11 -1.54 -22.34
N TYR A 483 18.45 -0.27 -22.58
CA TYR A 483 17.59 0.61 -23.37
C TYR A 483 17.37 0.06 -24.76
N ILE A 484 18.40 -0.57 -25.35
CA ILE A 484 18.24 -1.16 -26.67
C ILE A 484 17.20 -2.26 -26.65
N ASP A 485 16.95 -2.85 -25.48
CA ASP A 485 16.10 -4.03 -25.41
C ASP A 485 14.65 -3.74 -25.78
N VAL A 486 14.21 -2.48 -25.71
CA VAL A 486 12.80 -2.16 -25.91
C VAL A 486 12.43 -1.95 -27.36
N PHE A 487 13.40 -1.92 -28.27
CA PHE A 487 13.13 -1.72 -29.68
C PHE A 487 13.21 -3.02 -30.45
N THR A 488 12.40 -3.10 -31.51
CA THR A 488 12.57 -4.10 -32.55
C THR A 488 13.90 -3.82 -33.25
N PRO A 489 14.37 -4.69 -34.14
CA PRO A 489 15.42 -4.26 -35.06
C PRO A 489 14.97 -3.06 -35.88
N GLN A 490 13.68 -2.96 -36.17
CA GLN A 490 13.08 -1.74 -36.67
C GLN A 490 12.95 -0.74 -35.52
N GLY A 491 12.46 0.46 -35.84
CA GLY A 491 12.31 1.51 -34.85
C GLY A 491 11.11 1.36 -33.93
N GLN A 492 10.46 0.20 -33.93
CA GLN A 492 9.22 0.02 -33.20
C GLN A 492 9.48 -0.08 -31.70
N TYR A 493 8.85 0.82 -30.93
CA TYR A 493 8.83 0.71 -29.48
C TYR A 493 7.80 -0.34 -29.09
N ILE A 494 8.26 -1.50 -28.62
CA ILE A 494 7.39 -2.67 -28.54
C ILE A 494 6.40 -2.56 -27.39
N LEU A 495 6.82 -2.02 -26.25
CA LEU A 495 5.93 -1.93 -25.09
C LEU A 495 4.81 -0.92 -25.27
N GLN A 496 4.84 -0.16 -26.37
CA GLN A 496 3.89 0.93 -26.57
C GLN A 496 2.45 0.43 -26.52
N ASN A 497 2.16 -0.69 -27.20
CA ASN A 497 0.79 -1.17 -27.24
C ASN A 497 0.34 -1.65 -25.86
N TYR A 498 1.20 -2.40 -25.17
CA TYR A 498 0.86 -2.86 -23.83
C TYR A 498 0.53 -1.69 -22.93
N VAL A 499 1.38 -0.66 -22.93
CA VAL A 499 1.16 0.45 -22.00
C VAL A 499 -0.07 1.24 -22.41
N GLU A 500 -0.25 1.48 -23.71
CA GLU A 500 -1.41 2.22 -24.18
C GLU A 500 -2.70 1.56 -23.75
N ALA A 501 -2.75 0.22 -23.84
CA ALA A 501 -3.93 -0.49 -23.37
C ALA A 501 -4.04 -0.44 -21.86
N ALA A 502 -2.91 -0.49 -21.15
CA ALA A 502 -2.96 -0.64 -19.70
C ALA A 502 -3.30 0.65 -18.99
N ASN A 503 -2.71 1.77 -19.41
CA ASN A 503 -2.93 3.03 -18.70
C ASN A 503 -4.41 3.39 -18.65
N LEU A 504 -5.18 2.98 -19.66
CA LEU A 504 -6.60 3.28 -19.66
C LEU A 504 -7.33 2.67 -18.47
N LYS A 505 -6.74 1.65 -17.84
CA LYS A 505 -7.37 0.93 -16.74
C LYS A 505 -6.52 0.87 -15.48
N SER A 506 -5.26 1.30 -15.53
CA SER A 506 -4.32 1.12 -14.43
C SER A 506 -4.68 1.87 -13.15
N PRO A 507 -5.35 3.03 -13.22
CA PRO A 507 -5.52 3.83 -12.00
C PRO A 507 -6.25 3.11 -10.89
N SER A 508 -7.11 2.14 -11.20
CA SER A 508 -7.80 1.40 -10.17
C SER A 508 -6.91 0.29 -9.63
N LEU A 509 -7.44 -0.47 -8.68
CA LEU A 509 -6.78 -1.68 -8.23
C LEU A 509 -6.57 -2.62 -9.42
N ARG A 510 -5.33 -3.10 -9.59
CA ARG A 510 -4.96 -3.86 -10.78
C ARG A 510 -3.82 -4.79 -10.45
N ASP A 511 -3.60 -5.75 -11.34
CA ASP A 511 -2.46 -6.65 -11.22
C ASP A 511 -1.16 -5.86 -11.25
N THR A 512 -0.16 -6.38 -10.52
CA THR A 512 1.19 -5.84 -10.54
C THR A 512 1.63 -5.48 -11.95
N PHE A 513 1.40 -6.40 -12.89
CA PHE A 513 1.87 -6.19 -14.26
C PHE A 513 1.38 -4.87 -14.83
N GLU A 514 0.13 -4.50 -14.51
CA GLU A 514 -0.45 -3.27 -15.00
C GLU A 514 0.18 -2.03 -14.38
N LYS A 515 0.89 -2.18 -13.28
CA LYS A 515 1.69 -1.10 -12.70
C LYS A 515 3.09 -1.08 -13.29
N ASP A 516 3.68 -2.26 -13.45
CA ASP A 516 5.05 -2.37 -13.92
C ASP A 516 5.20 -1.84 -15.33
N VAL A 517 4.23 -2.14 -16.21
CA VAL A 517 4.36 -1.66 -17.58
C VAL A 517 4.50 -0.14 -17.60
N ILE A 518 3.68 0.55 -16.79
CA ILE A 518 3.68 2.01 -16.85
C ILE A 518 4.89 2.58 -16.13
N SER A 519 5.32 1.96 -15.04
CA SER A 519 6.53 2.42 -14.38
C SER A 519 7.73 2.33 -15.32
N VAL A 520 7.83 1.21 -16.05
CA VAL A 520 8.97 1.04 -16.94
C VAL A 520 8.86 1.97 -18.14
N ASP A 521 7.65 2.24 -18.62
CA ASP A 521 7.50 3.23 -19.67
C ASP A 521 7.99 4.60 -19.21
N GLU A 522 7.62 4.98 -17.98
CA GLU A 522 8.09 6.24 -17.41
C GLU A 522 9.61 6.28 -17.36
N ARG A 523 10.22 5.22 -16.83
CA ARG A 523 11.67 5.20 -16.72
C ARG A 523 12.33 5.26 -18.09
N ILE A 524 11.75 4.61 -19.08
CA ILE A 524 12.31 4.64 -20.43
C ILE A 524 12.27 6.05 -20.99
N ASN A 525 11.15 6.74 -20.80
CA ASN A 525 11.05 8.11 -21.30
C ASN A 525 12.04 9.02 -20.58
N TYR A 526 12.26 8.79 -19.29
CA TYR A 526 13.23 9.61 -18.57
C TYR A 526 14.65 9.36 -19.09
N ALA A 527 14.97 8.10 -19.41
CA ALA A 527 16.28 7.84 -20.01
C ALA A 527 16.41 8.50 -21.37
N PHE A 528 15.34 8.46 -22.18
CA PHE A 528 15.35 9.19 -23.44
C PHE A 528 15.65 10.67 -23.20
N LEU A 529 15.02 11.25 -22.19
CA LEU A 529 15.24 12.67 -21.90
C LEU A 529 16.67 12.93 -21.47
N ILE A 530 17.25 12.00 -20.71
CA ILE A 530 18.66 12.14 -20.34
C ILE A 530 19.52 12.11 -21.58
N TYR A 531 19.18 11.27 -22.54
CA TYR A 531 19.87 11.30 -23.81
C TYR A 531 19.44 12.54 -24.59
N THR A 532 20.19 12.85 -25.64
CA THR A 532 19.93 13.99 -26.52
C THR A 532 19.75 15.29 -25.73
N GLY A 533 20.26 15.34 -24.50
CA GLY A 533 20.46 16.59 -23.79
C GLY A 533 19.21 17.24 -23.25
N GLN A 534 18.05 16.62 -23.37
CA GLN A 534 16.80 17.28 -22.96
C GLN A 534 16.63 17.35 -21.45
N VAL A 535 17.65 17.07 -20.66
CA VAL A 535 17.57 17.39 -19.23
C VAL A 535 18.46 18.55 -18.82
N LEU A 536 19.54 18.82 -19.55
CA LEU A 536 20.46 19.88 -19.14
C LEU A 536 19.81 21.24 -19.34
N ARG A 537 18.74 21.45 -18.56
CA ARG A 537 17.90 22.63 -18.65
C ARG A 537 18.61 23.81 -17.97
N ILE A 538 19.66 24.26 -18.63
CA ILE A 538 20.55 25.26 -18.05
C ILE A 538 20.07 26.67 -18.37
N PHE A 539 20.08 27.02 -19.64
CA PHE A 539 20.14 28.42 -20.07
C PHE A 539 18.78 29.10 -19.92
N PRO A 540 18.70 30.22 -19.21
CA PRO A 540 17.42 30.94 -19.13
C PRO A 540 17.07 31.57 -20.46
N ASP A 541 15.78 31.56 -20.77
CA ASP A 541 15.28 32.09 -22.04
C ASP A 541 15.16 33.61 -22.07
N ASN A 542 15.15 34.26 -20.92
CA ASN A 542 15.07 35.72 -20.87
C ASN A 542 15.83 36.21 -19.65
N LYS A 543 16.26 37.47 -19.73
CA LYS A 543 16.98 38.07 -18.60
C LYS A 543 16.05 38.24 -17.41
N SER A 544 14.85 38.75 -17.65
CA SER A 544 13.82 38.73 -16.62
C SER A 544 13.45 37.27 -16.32
N PRO A 545 12.95 36.99 -15.11
CA PRO A 545 12.81 35.59 -14.70
C PRO A 545 12.12 34.75 -15.77
N ASN A 546 10.84 35.04 -16.04
CA ASN A 546 10.10 34.41 -17.14
C ASN A 546 10.55 32.98 -17.38
N ASN A 547 10.69 32.21 -16.31
CA ASN A 547 11.56 31.05 -16.33
C ASN A 547 10.97 29.90 -17.14
N GLN A 548 11.68 29.50 -18.19
CA GLN A 548 11.51 28.20 -18.82
C GLN A 548 12.86 27.46 -18.85
N TRP A 549 13.96 28.19 -19.00
CA TRP A 549 15.29 27.61 -18.90
C TRP A 549 15.54 26.50 -19.92
N LEU A 550 15.90 26.91 -21.13
CA LEU A 550 15.93 26.06 -22.31
C LEU A 550 17.04 25.02 -22.26
N TYR A 551 16.85 23.97 -23.08
CA TYR A 551 17.85 22.96 -23.34
C TYR A 551 19.09 23.56 -23.98
N PRO A 552 20.15 22.75 -24.14
CA PRO A 552 21.32 23.23 -24.89
C PRO A 552 21.06 23.43 -26.37
N LEU A 553 20.52 22.41 -27.04
CA LEU A 553 20.44 22.45 -28.50
C LEU A 553 19.44 23.49 -28.98
N GLN A 554 18.16 23.33 -28.62
CA GLN A 554 17.17 24.26 -29.12
C GLN A 554 17.39 25.66 -28.56
N ALA A 555 18.13 25.81 -27.48
CA ALA A 555 18.56 27.16 -27.09
C ALA A 555 19.31 27.83 -28.23
N ILE A 556 20.36 27.18 -28.74
CA ILE A 556 21.11 27.74 -29.86
C ILE A 556 20.21 27.87 -31.08
N SER A 557 19.55 26.78 -31.45
CA SER A 557 18.72 26.80 -32.65
C SER A 557 17.63 27.85 -32.59
N SER A 558 17.04 28.04 -31.42
CA SER A 558 15.92 28.98 -31.31
C SER A 558 16.33 30.29 -30.66
N ALA A 559 15.88 30.53 -29.43
CA ALA A 559 16.17 31.79 -28.75
C ALA A 559 17.53 32.37 -29.11
N VAL A 560 18.56 31.53 -29.14
CA VAL A 560 19.89 32.03 -29.40
C VAL A 560 20.02 32.52 -30.83
N ALA A 561 19.62 31.68 -31.79
CA ALA A 561 19.75 32.05 -33.19
C ALA A 561 18.64 33.00 -33.58
N GLN A 562 17.41 32.69 -33.19
CA GLN A 562 16.29 33.55 -33.50
C GLN A 562 16.57 34.96 -33.01
N ASP A 563 16.67 35.14 -31.70
CA ASP A 563 16.96 36.45 -31.16
C ASP A 563 18.39 36.82 -31.46
N ASP A 564 18.70 38.10 -31.42
CA ASP A 564 20.06 38.54 -31.67
C ASP A 564 20.99 37.78 -30.74
N THR A 565 20.70 37.80 -29.44
CA THR A 565 21.50 37.04 -28.47
C THR A 565 22.94 37.50 -28.35
N LYS A 566 23.68 37.50 -29.46
CA LYS A 566 25.10 37.86 -29.42
C LYS A 566 25.85 36.76 -28.69
N LYS A 567 25.41 36.46 -27.47
CA LYS A 567 26.02 35.37 -26.72
C LYS A 567 25.89 34.05 -27.46
N ALA A 568 25.34 34.07 -28.66
CA ALA A 568 25.25 32.84 -29.46
C ALA A 568 26.58 32.12 -29.58
N LYS A 569 27.53 32.71 -30.31
CA LYS A 569 28.80 32.06 -30.55
C LYS A 569 29.42 31.64 -29.23
N GLU A 570 29.36 32.53 -28.25
CA GLU A 570 29.94 32.24 -26.96
C GLU A 570 29.36 30.92 -26.47
N LEU A 571 28.03 30.90 -26.37
CA LEU A 571 27.36 29.68 -25.91
C LEU A 571 27.71 28.49 -26.82
N MET A 572 27.68 28.71 -28.13
CA MET A 572 28.02 27.66 -29.08
C MET A 572 29.38 27.07 -28.76
N GLN A 573 30.41 27.93 -28.74
CA GLN A 573 31.77 27.44 -28.54
C GLN A 573 31.95 26.89 -27.13
N ILE A 574 31.21 27.42 -26.15
CA ILE A 574 31.28 26.86 -24.80
C ILE A 574 30.83 25.41 -24.80
N TYR A 575 29.63 25.17 -25.32
CA TYR A 575 29.10 23.80 -25.32
C TYR A 575 29.96 22.88 -26.19
N LYS A 576 30.42 23.39 -27.33
CA LYS A 576 31.26 22.57 -28.21
C LYS A 576 32.57 22.21 -27.53
N LYS A 577 33.17 23.17 -26.83
CA LYS A 577 34.38 22.89 -26.06
C LYS A 577 34.10 21.86 -24.98
N PHE A 578 32.94 21.96 -24.33
CA PHE A 578 32.59 20.96 -23.33
C PHE A 578 32.58 19.56 -23.94
N ALA A 579 31.86 19.41 -25.04
CA ALA A 579 31.77 18.11 -25.70
C ALA A 579 33.15 17.62 -26.14
N GLN A 580 33.95 18.52 -26.71
CA GLN A 580 35.27 18.14 -27.20
C GLN A 580 36.16 17.67 -26.05
N GLY A 581 36.23 18.47 -24.99
CA GLY A 581 37.05 18.09 -23.85
C GLY A 581 36.60 16.78 -23.24
N MET A 582 35.29 16.55 -23.16
CA MET A 582 34.83 15.30 -22.57
C MET A 582 35.18 14.12 -23.45
N GLN A 583 34.92 14.21 -24.74
CA GLN A 583 35.22 13.08 -25.62
C GLN A 583 36.72 12.83 -25.69
N GLN A 584 37.54 13.87 -25.48
CA GLN A 584 38.98 13.66 -25.40
C GLN A 584 39.38 13.05 -24.06
N GLY A 585 38.64 13.37 -22.99
CA GLY A 585 39.10 13.00 -21.66
C GLY A 585 39.21 11.51 -21.43
N ILE A 586 38.26 10.74 -21.96
CA ILE A 586 38.33 9.29 -21.82
C ILE A 586 39.68 8.79 -22.32
N ASN A 587 40.33 9.54 -23.21
CA ASN A 587 41.63 9.15 -23.74
C ASN A 587 42.77 9.66 -22.86
N THR A 588 42.77 10.96 -22.55
CA THR A 588 43.93 11.61 -21.95
C THR A 588 43.91 11.64 -20.42
N HIS A 589 42.72 11.73 -19.80
CA HIS A 589 42.57 11.70 -18.35
C HIS A 589 43.02 13.00 -17.69
N ASN A 590 43.67 13.89 -18.44
CA ASN A 590 43.91 15.27 -18.00
C ASN A 590 42.96 16.21 -18.73
N TRP A 591 41.68 15.95 -18.56
CA TRP A 591 40.60 16.59 -19.30
C TRP A 591 40.08 17.88 -18.64
N GLN A 592 40.86 18.55 -17.78
CA GLN A 592 40.36 19.72 -17.07
C GLN A 592 39.77 20.79 -17.99
N GLU A 593 39.97 20.67 -19.30
CA GLU A 593 39.32 21.61 -20.22
C GLU A 593 37.83 21.64 -19.98
N ALA A 594 37.23 20.49 -19.69
CA ALA A 594 35.81 20.46 -19.34
C ALA A 594 35.56 21.19 -18.02
N ALA A 595 36.55 21.21 -17.13
CA ALA A 595 36.40 21.95 -15.89
C ALA A 595 36.33 23.44 -16.15
N GLN A 596 37.22 23.94 -17.01
CA GLN A 596 37.14 25.37 -17.37
C GLN A 596 35.84 25.65 -18.11
N ALA A 597 35.39 24.72 -18.94
CA ALA A 597 34.10 24.88 -19.61
C ALA A 597 32.97 24.98 -18.58
N THR A 598 33.07 24.22 -17.50
CA THR A 598 32.04 24.26 -16.47
C THR A 598 32.08 25.58 -15.73
N ARG A 599 33.29 26.10 -15.46
CA ARG A 599 33.41 27.45 -14.93
C ARG A 599 32.73 28.45 -15.84
N ASP A 600 32.92 28.30 -17.16
CA ASP A 600 32.29 29.19 -18.11
C ASP A 600 30.77 29.11 -18.00
N ILE A 601 30.24 27.88 -17.95
CA ILE A 601 28.80 27.69 -17.82
C ILE A 601 28.28 28.38 -16.57
N ARG A 602 28.96 28.16 -15.45
CA ARG A 602 28.48 28.70 -14.18
C ARG A 602 28.53 30.22 -14.18
N THR A 603 29.57 30.80 -14.75
CA THR A 603 29.64 32.26 -14.83
C THR A 603 28.55 32.80 -15.74
N PHE A 604 28.26 32.10 -16.85
CA PHE A 604 27.19 32.54 -17.73
C PHE A 604 25.86 32.56 -16.99
N GLN A 605 25.54 31.45 -16.31
CA GLN A 605 24.28 31.42 -15.55
C GLN A 605 24.27 32.49 -14.48
N GLN A 606 25.43 32.75 -13.85
CA GLN A 606 25.50 33.74 -12.78
C GLN A 606 25.24 35.14 -13.29
N ASN A 607 25.72 35.47 -14.49
CA ASN A 607 25.55 36.81 -15.04
C ASN A 607 24.41 36.89 -16.04
N ASN A 608 23.61 35.83 -16.17
CA ASN A 608 22.40 35.86 -16.98
C ASN A 608 21.13 35.66 -16.17
N GLY A 609 21.20 34.95 -15.04
CA GLY A 609 20.02 34.71 -14.23
C GLY A 609 19.67 35.89 -13.36
N GLY A 610 18.44 35.87 -12.87
CA GLY A 610 17.90 36.91 -12.01
C GLY A 610 17.93 36.53 -10.54
N SER A 611 16.91 36.96 -9.82
CA SER A 611 16.84 36.69 -8.39
C SER A 611 16.77 35.20 -8.09
N LEU A 612 16.37 34.39 -9.06
CA LEU A 612 16.33 32.95 -8.86
C LEU A 612 17.71 32.37 -8.59
N LEU A 613 18.77 33.14 -8.86
CA LEU A 613 20.12 32.66 -8.65
C LEU A 613 20.38 32.46 -7.16
N ILE A 614 20.39 31.20 -6.72
CA ILE A 614 20.73 30.90 -5.35
C ILE A 614 22.18 31.29 -5.08
N SER A 615 22.43 31.75 -3.86
CA SER A 615 23.80 32.09 -3.48
C SER A 615 24.69 30.86 -3.56
N PRO A 616 25.97 31.03 -3.88
CA PRO A 616 26.87 29.86 -3.92
C PRO A 616 27.00 29.18 -2.58
N ALA A 617 26.96 29.94 -1.48
CA ALA A 617 27.09 29.33 -0.16
C ALA A 617 25.94 28.37 0.11
N LYS A 618 24.71 28.79 -0.22
CA LYS A 618 23.57 27.91 0.01
C LYS A 618 23.64 26.68 -0.86
N VAL A 619 24.08 26.83 -2.11
CA VAL A 619 24.23 25.69 -3.00
C VAL A 619 25.22 24.69 -2.40
N ASP A 620 26.39 25.21 -2.01
CA ASP A 620 27.40 24.38 -1.38
C ASP A 620 26.84 23.67 -0.17
N SER A 621 26.06 24.39 0.66
CA SER A 621 25.51 23.80 1.86
C SER A 621 24.50 22.70 1.54
N GLU A 622 23.71 22.89 0.48
CA GLU A 622 22.74 21.88 0.11
C GLU A 622 23.43 20.60 -0.34
N ILE A 623 24.46 20.74 -1.17
CA ILE A 623 25.20 19.56 -1.59
C ILE A 623 25.88 18.90 -0.39
N TRP A 624 26.45 19.74 0.48
CA TRP A 624 27.10 19.29 1.70
C TRP A 624 26.14 18.46 2.55
N LEU A 625 24.90 18.92 2.70
CA LEU A 625 23.89 18.13 3.38
C LEU A 625 23.63 16.82 2.65
N ASN A 626 23.44 16.90 1.33
CA ASN A 626 23.07 15.70 0.58
C ASN A 626 24.15 14.65 0.62
N LEU A 627 25.39 15.03 0.95
CA LEU A 627 26.46 14.05 1.10
C LEU A 627 26.57 13.53 2.53
N TYR A 628 26.46 14.41 3.52
CA TYR A 628 26.78 14.06 4.90
C TYR A 628 25.61 13.49 5.68
N ASN A 629 24.38 13.68 5.22
CA ASN A 629 23.22 13.33 6.03
C ASN A 629 23.29 11.87 6.47
N PRO A 630 22.91 11.57 7.70
CA PRO A 630 23.14 10.22 8.25
C PRO A 630 22.03 9.22 7.97
N PHE A 631 20.84 9.70 7.58
CA PHE A 631 19.65 8.85 7.62
C PHE A 631 19.78 7.62 6.73
N TYR A 632 20.68 7.64 5.76
CA TYR A 632 20.96 6.43 5.00
C TYR A 632 21.72 5.41 5.84
N GLN A 633 22.78 5.86 6.52
CA GLN A 633 23.61 4.92 7.28
C GLN A 633 22.89 4.41 8.52
N LEU A 634 22.12 5.27 9.18
CA LEU A 634 21.56 4.94 10.48
C LEU A 634 20.51 3.83 10.44
N THR A 635 20.14 3.34 9.26
CA THR A 635 19.10 2.32 9.19
C THR A 635 19.53 1.04 9.90
N TYR A 636 20.81 0.68 9.79
CA TYR A 636 21.32 -0.61 10.23
C TYR A 636 21.51 -0.67 11.73
N PRO A 637 22.20 0.31 12.34
CA PRO A 637 22.49 0.21 13.78
C PRO A 637 21.26 0.07 14.65
N TYR A 638 20.21 0.85 14.39
CA TYR A 638 19.03 0.78 15.24
C TYR A 638 18.47 -0.65 15.31
N ILE A 639 18.65 -1.42 14.24
CA ILE A 639 18.22 -2.81 14.25
C ILE A 639 19.25 -3.69 14.95
N PHE A 640 20.50 -3.59 14.50
CA PHE A 640 21.56 -4.46 15.00
C PHE A 640 21.71 -4.36 16.52
N ILE A 641 21.73 -3.14 17.04
CA ILE A 641 21.92 -2.95 18.48
C ILE A 641 20.78 -3.58 19.25
N SER A 642 19.55 -3.36 18.79
CA SER A 642 18.41 -3.95 19.47
C SER A 642 18.53 -5.46 19.51
N ILE A 643 18.91 -6.08 18.39
CA ILE A 643 18.95 -7.54 18.35
C ILE A 643 20.08 -8.06 19.23
N VAL A 644 21.24 -7.41 19.21
CA VAL A 644 22.38 -7.92 19.96
C VAL A 644 22.13 -7.76 21.46
N LEU A 645 21.45 -6.69 21.87
CA LEU A 645 21.11 -6.57 23.28
C LEU A 645 20.04 -7.59 23.67
N PHE A 646 19.05 -7.79 22.81
CA PHE A 646 17.98 -8.73 23.12
C PHE A 646 18.54 -10.14 23.32
N ILE A 647 19.44 -10.58 22.44
CA ILE A 647 19.93 -11.95 22.54
C ILE A 647 20.72 -12.15 23.83
N ILE A 648 21.47 -11.15 24.26
CA ILE A 648 22.25 -11.31 25.49
C ILE A 648 21.32 -11.30 26.70
N VAL A 649 20.26 -10.50 26.66
CA VAL A 649 19.29 -10.54 27.74
C VAL A 649 18.60 -11.90 27.78
N LEU A 650 18.36 -12.48 26.60
CA LEU A 650 17.81 -13.82 26.53
C LEU A 650 18.74 -14.83 27.19
N VAL A 651 20.04 -14.74 26.88
CA VAL A 651 21.00 -15.64 27.51
C VAL A 651 20.97 -15.44 29.02
N GLY A 652 20.78 -14.22 29.47
CA GLY A 652 20.70 -13.94 30.89
C GLY A 652 19.55 -14.67 31.55
N ILE A 653 18.34 -14.44 31.05
CA ILE A 653 17.17 -15.04 31.70
C ILE A 653 17.09 -16.54 31.47
N LEU A 654 17.73 -17.05 30.42
CA LEU A 654 17.77 -18.50 30.23
C LEU A 654 18.47 -19.20 31.37
N LYS A 655 19.38 -18.52 32.04
CA LYS A 655 20.04 -19.04 33.23
C LYS A 655 19.59 -18.32 34.49
N ASN A 656 18.59 -17.46 34.37
CA ASN A 656 17.82 -16.92 35.49
C ASN A 656 18.58 -15.90 36.34
N THR A 657 19.87 -15.75 36.11
CA THR A 657 20.63 -14.73 36.80
C THR A 657 20.63 -13.43 35.97
N PRO A 658 20.55 -12.27 36.62
CA PRO A 658 20.49 -11.03 35.86
C PRO A 658 21.83 -10.68 35.25
N THR A 659 21.78 -9.99 34.12
CA THR A 659 22.99 -9.52 33.46
C THR A 659 23.64 -8.41 34.27
N ARG A 660 24.97 -8.41 34.27
CA ARG A 660 25.70 -7.34 34.94
C ARG A 660 25.26 -5.99 34.37
N PRO A 661 25.12 -4.95 35.21
CA PRO A 661 24.72 -3.64 34.68
C PRO A 661 25.76 -3.02 33.76
N LEU A 662 26.97 -3.56 33.73
CA LEU A 662 28.01 -3.08 32.83
C LEU A 662 27.49 -2.97 31.40
N ILE A 663 26.82 -4.03 30.92
CA ILE A 663 26.36 -4.03 29.54
C ILE A 663 25.24 -3.02 29.35
N HIS A 664 24.40 -2.85 30.36
CA HIS A 664 23.38 -1.82 30.28
C HIS A 664 24.01 -0.46 30.08
N LYS A 665 25.02 -0.14 30.89
CA LYS A 665 25.75 1.11 30.71
C LYS A 665 26.30 1.22 29.30
N VAL A 666 26.94 0.15 28.83
CA VAL A 666 27.63 0.20 27.53
C VAL A 666 26.63 0.47 26.40
N PHE A 667 25.57 -0.33 26.33
CA PHE A 667 24.65 -0.20 25.22
C PHE A 667 23.79 1.05 25.34
N TYR A 668 23.52 1.52 26.56
CA TYR A 668 22.86 2.81 26.70
C TYR A 668 23.76 3.92 26.21
N ILE A 669 25.06 3.82 26.45
CA ILE A 669 25.99 4.82 25.93
C ILE A 669 26.00 4.79 24.40
N LEU A 670 25.95 3.60 23.82
CA LEU A 670 25.93 3.52 22.37
C LEU A 670 24.66 4.13 21.80
N LEU A 671 23.51 3.82 22.40
CA LEU A 671 22.27 4.46 21.98
C LEU A 671 22.35 5.96 22.15
N PHE A 672 22.96 6.41 23.23
CA PHE A 672 23.11 7.84 23.48
C PHE A 672 23.93 8.51 22.38
N ALA A 673 25.01 7.86 21.96
CA ALA A 673 25.84 8.42 20.90
C ALA A 673 25.08 8.48 19.59
N LEU A 674 24.40 7.38 19.23
CA LEU A 674 23.61 7.37 18.01
C LEU A 674 22.53 8.43 18.07
N PHE A 675 21.93 8.62 19.24
CA PHE A 675 20.88 9.62 19.42
C PHE A 675 21.42 11.02 19.24
N ILE A 676 22.58 11.31 19.84
CA ILE A 676 23.17 12.63 19.68
C ILE A 676 23.45 12.91 18.23
N LEU A 677 24.06 11.95 17.53
CA LEU A 677 24.38 12.14 16.12
C LEU A 677 23.11 12.36 15.30
N HIS A 678 22.09 11.53 15.53
CA HIS A 678 20.85 11.63 14.79
C HIS A 678 20.16 12.97 15.04
N THR A 679 20.10 13.39 16.30
CA THR A 679 19.45 14.65 16.61
C THR A 679 20.17 15.82 15.99
N CYS A 680 21.50 15.82 16.04
CA CYS A 680 22.25 16.92 15.43
C CYS A 680 22.08 16.91 13.92
N GLY A 681 22.08 15.74 13.29
CA GLY A 681 21.87 15.68 11.86
C GLY A 681 20.49 16.17 11.46
N LEU A 682 19.48 15.81 12.24
CA LEU A 682 18.13 16.28 11.96
C LEU A 682 17.97 17.78 12.21
N GLY A 683 18.64 18.30 13.24
CA GLY A 683 18.66 19.73 13.42
C GLY A 683 19.31 20.45 12.26
N LEU A 684 20.42 19.90 11.76
CA LEU A 684 21.08 20.46 10.60
C LEU A 684 20.19 20.40 9.37
N ARG A 685 19.46 19.29 9.22
CA ARG A 685 18.47 19.19 8.16
C ARG A 685 17.48 20.35 8.25
N TRP A 686 16.96 20.60 9.44
CA TRP A 686 16.01 21.69 9.62
C TRP A 686 16.65 23.04 9.34
N TYR A 687 17.93 23.18 9.68
CA TYR A 687 18.61 24.46 9.51
C TYR A 687 18.86 24.77 8.04
N VAL A 688 19.26 23.77 7.28
CA VAL A 688 19.60 24.00 5.87
C VAL A 688 18.36 24.02 5.00
N SER A 689 17.44 23.09 5.24
CA SER A 689 16.21 22.99 4.46
C SER A 689 15.07 23.52 5.30
N GLU A 690 14.33 24.48 4.75
CA GLU A 690 13.24 25.16 5.44
C GLU A 690 11.98 24.31 5.56
N HIS A 691 12.09 22.99 5.34
CA HIS A 691 10.91 22.15 5.20
C HIS A 691 10.14 21.95 6.49
N ALA A 692 10.35 22.79 7.51
CA ALA A 692 9.27 23.01 8.48
C ALA A 692 8.75 21.68 9.00
N PRO A 693 9.33 21.14 10.08
CA PRO A 693 9.22 19.69 10.33
C PRO A 693 7.84 19.08 10.12
N TRP A 694 6.78 19.89 10.11
CA TRP A 694 5.54 19.43 9.50
C TRP A 694 5.78 19.35 8.00
N SER A 695 6.68 18.47 7.63
CA SER A 695 7.42 18.52 6.39
C SER A 695 6.88 17.50 5.38
N ASN A 696 7.63 17.35 4.29
CA ASN A 696 7.42 16.24 3.37
C ASN A 696 7.34 14.92 4.13
N ALA A 697 6.72 13.93 3.51
CA ALA A 697 6.52 12.64 4.15
C ALA A 697 7.83 12.09 4.69
N TYR A 698 8.91 12.21 3.94
CA TYR A 698 10.18 11.60 4.33
C TYR A 698 10.63 12.10 5.70
N GLU A 699 10.74 13.41 5.86
CA GLU A 699 11.26 13.96 7.11
C GLU A 699 10.29 13.76 8.27
N SER A 700 8.99 13.71 8.00
CA SER A 700 8.03 13.50 9.07
C SER A 700 8.28 12.17 9.78
N MET A 701 8.56 11.12 9.03
CA MET A 701 8.82 9.84 9.66
C MET A 701 10.19 9.81 10.30
N LEU A 702 11.13 10.62 9.80
CA LEU A 702 12.38 10.82 10.53
C LEU A 702 12.12 11.41 11.90
N TYR A 703 11.23 12.40 11.99
CA TYR A 703 10.88 12.97 13.28
C TYR A 703 10.17 11.96 14.16
N ILE A 704 9.36 11.08 13.57
CA ILE A 704 8.71 10.05 14.36
C ILE A 704 9.75 9.07 14.93
N ALA A 705 10.75 8.71 14.13
CA ALA A 705 11.80 7.83 14.63
C ALA A 705 12.62 8.53 15.71
N TRP A 706 12.89 9.82 15.53
CA TRP A 706 13.52 10.61 16.58
C TRP A 706 12.72 10.54 17.87
N ALA A 707 11.41 10.72 17.78
CA ALA A 707 10.56 10.66 18.96
C ALA A 707 10.63 9.28 19.61
N ALA A 708 10.64 8.22 18.80
CA ALA A 708 10.68 6.87 19.36
C ALA A 708 11.98 6.63 20.11
N ILE A 709 13.11 6.91 19.46
CA ILE A 709 14.40 6.70 20.12
C ILE A 709 14.54 7.62 21.33
N LEU A 710 13.90 8.79 21.29
CA LEU A 710 13.92 9.68 22.44
C LEU A 710 13.17 9.05 23.62
N SER A 711 11.95 8.59 23.37
CA SER A 711 11.23 7.84 24.40
C SER A 711 12.09 6.72 24.96
N GLY A 712 12.83 6.06 24.09
CA GLY A 712 13.74 5.03 24.53
C GLY A 712 14.80 5.54 25.48
N VAL A 713 15.49 6.61 25.09
CA VAL A 713 16.64 7.08 25.85
C VAL A 713 16.21 7.78 27.13
N VAL A 714 15.13 8.55 27.06
CA VAL A 714 14.81 9.44 28.16
C VAL A 714 14.11 8.69 29.29
N PHE A 715 13.00 8.02 28.98
CA PHE A 715 12.17 7.43 30.03
C PHE A 715 12.68 6.08 30.52
N PHE A 716 13.62 5.45 29.81
CA PHE A 716 13.95 4.05 30.07
C PHE A 716 15.44 3.82 30.22
N ARG A 717 16.11 4.62 31.06
CA ARG A 717 17.42 4.21 31.56
C ARG A 717 17.21 3.25 32.72
N ARG A 718 16.34 2.26 32.52
CA ARG A 718 15.92 1.36 33.59
C ARG A 718 15.92 -0.11 33.18
N SER A 719 15.54 -0.38 31.93
CA SER A 719 15.32 -1.74 31.46
C SER A 719 15.81 -1.88 30.03
N ASN A 720 16.73 -2.83 29.82
CA ASN A 720 17.36 -3.00 28.51
C ASN A 720 16.33 -3.23 27.41
N LEU A 721 15.33 -4.08 27.68
CA LEU A 721 14.38 -4.43 26.63
C LEU A 721 13.60 -3.22 26.14
N ALA A 722 13.46 -2.19 26.97
CA ALA A 722 12.85 -0.97 26.48
C ALA A 722 13.73 -0.32 25.42
N LEU A 723 15.05 -0.33 25.63
CA LEU A 723 15.95 0.15 24.58
C LEU A 723 15.81 -0.71 23.33
N CYS A 724 15.78 -2.03 23.50
CA CYS A 724 15.60 -2.92 22.36
C CYS A 724 14.39 -2.51 21.54
N ALA A 725 13.23 -2.44 22.19
CA ALA A 725 11.98 -2.15 21.48
C ALA A 725 12.02 -0.77 20.83
N SER A 726 12.44 0.25 21.59
CA SER A 726 12.45 1.61 21.05
C SER A 726 13.37 1.71 19.85
N SER A 727 14.56 1.14 19.94
CA SER A 727 15.49 1.20 18.83
C SER A 727 14.96 0.44 17.63
N PHE A 728 14.30 -0.69 17.86
CA PHE A 728 13.74 -1.44 16.73
C PHE A 728 12.65 -0.65 16.03
N LEU A 729 11.78 0.00 16.80
CA LEU A 729 10.73 0.81 16.18
C LEU A 729 11.32 1.96 15.38
N ALA A 730 12.29 2.68 15.97
CA ALA A 730 12.90 3.78 15.25
C ALA A 730 13.60 3.28 14.00
N GLY A 731 14.29 2.13 14.08
CA GLY A 731 14.97 1.60 12.92
C GLY A 731 14.02 1.24 11.81
N MET A 732 12.93 0.57 12.14
CA MET A 732 11.97 0.19 11.11
C MET A 732 11.35 1.43 10.47
N THR A 733 10.93 2.39 11.29
CA THR A 733 10.35 3.62 10.75
C THR A 733 11.34 4.32 9.84
N LEU A 734 12.59 4.44 10.29
CA LEU A 734 13.62 5.10 9.50
C LEU A 734 13.84 4.39 8.17
N PHE A 735 13.94 3.06 8.21
CA PHE A 735 14.20 2.31 6.98
C PHE A 735 13.06 2.48 5.99
N VAL A 736 11.83 2.35 6.47
CA VAL A 736 10.69 2.47 5.57
C VAL A 736 10.59 3.88 5.01
N ALA A 737 10.93 4.89 5.82
CA ALA A 737 10.86 6.26 5.34
C ALA A 737 11.93 6.51 4.28
N ASN A 738 13.15 6.03 4.52
CA ASN A 738 14.22 6.22 3.55
C ASN A 738 13.90 5.51 2.25
N LEU A 739 13.43 4.27 2.33
CA LEU A 739 12.93 3.59 1.14
C LEU A 739 11.85 4.42 0.45
N GLY A 740 11.04 5.12 1.25
CA GLY A 740 9.98 5.96 0.72
C GLY A 740 10.44 7.16 -0.07
N ASP A 741 11.75 7.40 -0.14
CA ASP A 741 12.31 8.44 -0.97
C ASP A 741 13.19 7.88 -2.07
N MET A 742 13.32 6.56 -2.14
CA MET A 742 14.14 5.89 -3.14
C MET A 742 13.33 5.57 -4.39
N ASP A 743 12.29 4.77 -4.24
CA ASP A 743 11.42 4.36 -5.33
C ASP A 743 10.42 5.46 -5.68
N PRO A 744 9.80 6.14 -4.68
CA PRO A 744 8.78 7.14 -5.01
C PRO A 744 9.39 8.47 -5.39
N GLN A 745 10.70 8.50 -5.66
CA GLN A 745 11.36 9.76 -5.97
C GLN A 745 10.75 10.40 -7.20
N ILE A 746 10.40 11.67 -7.08
CA ILE A 746 9.63 12.35 -8.11
C ILE A 746 10.50 12.63 -9.33
N GLY A 747 9.87 12.59 -10.49
CA GLY A 747 10.47 13.06 -11.73
C GLY A 747 9.77 14.32 -12.17
N ASN A 748 8.84 14.21 -13.10
CA ASN A 748 8.06 15.35 -13.54
C ASN A 748 6.63 14.92 -13.86
N LEU A 749 5.67 15.68 -13.33
CA LEU A 749 4.26 15.63 -13.67
C LEU A 749 3.52 14.39 -13.17
N MET A 750 4.22 13.36 -12.72
CA MET A 750 3.52 12.18 -12.23
C MET A 750 3.45 12.21 -10.71
N PRO A 751 2.33 11.82 -10.11
CA PRO A 751 2.28 11.63 -8.65
C PRO A 751 2.98 10.35 -8.23
N VAL A 752 3.23 10.25 -6.92
CA VAL A 752 3.97 9.13 -6.36
C VAL A 752 3.35 8.72 -5.03
N LEU A 753 3.82 7.57 -4.52
CA LEU A 753 3.32 6.97 -3.29
C LEU A 753 3.91 7.59 -2.03
N LYS A 754 3.81 8.91 -1.88
CA LYS A 754 4.30 9.61 -0.70
C LYS A 754 3.21 9.87 0.32
N SER A 755 2.00 9.39 0.07
CA SER A 755 0.89 9.61 0.99
C SER A 755 1.25 9.17 2.40
N TYR A 756 1.03 10.06 3.37
CA TYR A 756 1.39 9.76 4.75
C TYR A 756 0.82 8.42 5.20
N TRP A 757 -0.46 8.17 4.88
CA TRP A 757 -1.11 6.98 5.39
C TRP A 757 -0.38 5.72 4.93
N LEU A 758 -0.03 5.65 3.64
CA LEU A 758 0.59 4.44 3.12
C LEU A 758 1.94 4.19 3.78
N ASN A 759 2.71 5.26 4.01
CA ASN A 759 4.02 5.10 4.61
C ASN A 759 3.90 4.60 6.05
N ILE A 760 3.03 5.25 6.82
CA ILE A 760 2.80 4.81 8.20
C ILE A 760 2.33 3.36 8.21
N HIS A 761 1.43 3.02 7.29
CA HIS A 761 0.90 1.67 7.19
C HIS A 761 2.00 0.65 6.97
N VAL A 762 2.86 0.89 5.97
CA VAL A 762 3.91 -0.08 5.68
C VAL A 762 4.84 -0.22 6.89
N SER A 763 5.20 0.90 7.51
CA SER A 763 6.09 0.83 8.66
C SER A 763 5.49 0.01 9.78
N VAL A 764 4.21 0.27 10.09
CA VAL A 764 3.53 -0.44 11.16
C VAL A 764 3.48 -1.93 10.87
N ILE A 765 3.07 -2.29 9.65
CA ILE A 765 2.94 -3.72 9.32
C ILE A 765 4.29 -4.41 9.42
N THR A 766 5.34 -3.75 8.96
CA THR A 766 6.67 -4.37 9.03
C THR A 766 7.07 -4.60 10.47
N ALA A 767 6.90 -3.59 11.33
CA ALA A 767 7.25 -3.75 12.74
C ALA A 767 6.42 -4.88 13.36
N SER A 768 5.14 -4.96 13.00
CA SER A 768 4.28 -6.00 13.55
C SER A 768 4.81 -7.38 13.19
N TYR A 769 5.14 -7.59 11.92
CA TYR A 769 5.66 -8.90 11.54
C TYR A 769 7.00 -9.19 12.21
N GLY A 770 7.81 -8.17 12.47
CA GLY A 770 9.03 -8.40 13.22
C GLY A 770 8.74 -8.89 14.63
N PHE A 771 7.84 -8.20 15.33
CA PHE A 771 7.46 -8.63 16.67
C PHE A 771 6.92 -10.05 16.66
N LEU A 772 6.07 -10.37 15.68
CA LEU A 772 5.49 -11.71 15.61
C LEU A 772 6.55 -12.77 15.35
N GLY A 773 7.56 -12.45 14.53
CA GLY A 773 8.67 -13.39 14.37
C GLY A 773 9.42 -13.60 15.67
N LEU A 774 9.63 -12.53 16.42
CA LEU A 774 10.25 -12.67 17.74
C LEU A 774 9.42 -13.56 18.64
N CYS A 775 8.09 -13.41 18.58
CA CYS A 775 7.20 -14.28 19.35
C CYS A 775 7.40 -15.73 18.97
N PHE A 776 7.42 -16.00 17.67
CA PHE A 776 7.62 -17.36 17.19
C PHE A 776 8.91 -17.95 17.73
N MET A 777 9.98 -17.15 17.68
CA MET A 777 11.26 -17.60 18.19
C MET A 777 11.16 -17.96 19.68
N LEU A 778 10.59 -17.07 20.48
CA LEU A 778 10.52 -17.30 21.91
C LEU A 778 9.69 -18.55 22.22
N GLY A 779 8.55 -18.69 21.56
CA GLY A 779 7.73 -19.87 21.78
C GLY A 779 8.47 -21.15 21.44
N LEU A 780 9.19 -21.16 20.32
CA LEU A 780 9.97 -22.33 19.97
C LEU A 780 11.02 -22.62 21.03
N ILE A 781 11.64 -21.57 21.57
CA ILE A 781 12.63 -21.77 22.62
C ILE A 781 11.99 -22.41 23.85
N THR A 782 10.76 -21.98 24.17
CA THR A 782 10.06 -22.58 25.30
C THR A 782 9.81 -24.06 25.06
N LEU A 783 9.36 -24.41 23.86
CA LEU A 783 9.14 -25.81 23.54
C LEU A 783 10.43 -26.61 23.68
N ILE A 784 11.56 -26.04 23.26
CA ILE A 784 12.82 -26.74 23.40
C ILE A 784 13.19 -26.91 24.88
N MET A 785 13.02 -25.83 25.66
CA MET A 785 13.36 -25.91 27.07
C MET A 785 12.55 -26.96 27.80
N PHE A 786 11.29 -27.15 27.40
CA PHE A 786 10.49 -28.17 28.04
C PHE A 786 11.11 -29.57 27.91
N LEU A 787 11.98 -29.77 26.93
CA LEU A 787 12.69 -31.03 26.83
C LEU A 787 13.70 -31.18 27.97
N LEU A 788 14.23 -30.04 28.44
CA LEU A 788 15.40 -30.07 29.30
C LEU A 788 15.05 -30.43 30.74
N ARG A 789 13.91 -29.95 31.23
CA ARG A 789 13.61 -30.09 32.65
C ARG A 789 13.54 -31.55 33.05
N ASN A 790 14.27 -31.90 34.11
CA ASN A 790 14.30 -33.27 34.61
C ASN A 790 14.27 -33.29 36.13
N GLU A 791 13.69 -32.25 36.74
CA GLU A 791 13.47 -32.18 38.17
C GLU A 791 14.77 -32.02 38.96
N LYS A 792 15.91 -32.02 38.29
CA LYS A 792 17.18 -31.78 38.97
C LYS A 792 17.57 -30.30 38.97
N ARG A 793 17.03 -29.51 38.05
CA ARG A 793 17.49 -28.15 37.80
C ARG A 793 16.28 -27.20 37.70
N SER A 794 15.42 -27.24 38.72
CA SER A 794 14.15 -26.53 38.70
C SER A 794 14.27 -25.10 38.20
N GLN A 795 15.46 -24.50 38.26
CA GLN A 795 15.64 -23.15 37.73
C GLN A 795 15.05 -23.01 36.34
N VAL A 796 15.15 -24.07 35.54
CA VAL A 796 14.66 -24.00 34.17
C VAL A 796 13.16 -23.76 34.15
N ASP A 797 12.44 -24.16 35.20
CA ASP A 797 11.01 -23.89 35.25
C ASP A 797 10.73 -22.42 35.46
N CYS A 798 11.49 -21.77 36.34
CA CYS A 798 11.37 -20.33 36.48
C CYS A 798 11.72 -19.63 35.18
N SER A 799 12.69 -20.17 34.44
CA SER A 799 13.01 -19.62 33.13
C SER A 799 11.83 -19.79 32.18
N ILE A 800 11.19 -20.97 32.23
CA ILE A 800 10.00 -21.21 31.43
C ILE A 800 8.97 -20.13 31.67
N LEU A 801 8.70 -19.84 32.94
CA LEU A 801 7.68 -18.84 33.26
C LEU A 801 8.09 -17.47 32.72
N SER A 802 9.35 -17.09 32.96
CA SER A 802 9.80 -15.79 32.47
C SER A 802 9.63 -15.68 30.96
N LEU A 803 10.02 -16.73 30.23
CA LEU A 803 9.94 -16.70 28.78
C LEU A 803 8.49 -16.65 28.32
N SER A 804 7.60 -17.40 28.98
CA SER A 804 6.19 -17.35 28.60
C SER A 804 5.66 -15.94 28.77
N ALA A 805 6.00 -15.29 29.87
CA ALA A 805 5.54 -13.94 30.10
C ALA A 805 6.04 -13.00 29.02
N LEU A 806 7.35 -13.07 28.73
CA LEU A 806 7.92 -12.18 27.73
C LEU A 806 7.29 -12.41 26.36
N ASN A 807 7.04 -13.67 26.03
CA ASN A 807 6.44 -13.99 24.74
C ASN A 807 5.04 -13.42 24.65
N GLU A 808 4.26 -13.56 25.71
CA GLU A 808 2.90 -13.03 25.69
C GLU A 808 2.90 -11.51 25.57
N MET A 809 3.86 -10.85 26.22
CA MET A 809 3.99 -9.40 26.10
C MET A 809 4.27 -9.00 24.66
N SER A 810 5.28 -9.64 24.06
CA SER A 810 5.64 -9.32 22.69
C SER A 810 4.48 -9.58 21.74
N MET A 811 3.72 -10.65 21.98
CA MET A 811 2.57 -10.95 21.13
C MET A 811 1.48 -9.91 21.29
N ILE A 812 1.28 -9.40 22.50
CA ILE A 812 0.31 -8.32 22.69
C ILE A 812 0.70 -7.13 21.83
N LEU A 813 1.97 -6.73 21.89
CA LEU A 813 2.42 -5.63 21.05
C LEU A 813 2.18 -5.93 19.57
N GLY A 814 2.56 -7.14 19.14
CA GLY A 814 2.37 -7.50 17.75
C GLY A 814 0.92 -7.36 17.33
N LEU A 815 0.01 -7.88 18.15
CA LEU A 815 -1.40 -7.86 17.79
C LEU A 815 -1.93 -6.44 17.72
N PHE A 816 -1.56 -5.59 18.68
CA PHE A 816 -2.07 -4.22 18.66
C PHE A 816 -1.56 -3.48 17.43
N LEU A 817 -0.27 -3.60 17.13
CA LEU A 817 0.28 -2.92 15.97
C LEU A 817 -0.37 -3.43 14.69
N LEU A 818 -0.56 -4.74 14.58
CA LEU A 818 -1.20 -5.31 13.41
C LEU A 818 -2.63 -4.82 13.28
N SER A 819 -3.34 -4.70 14.40
CA SER A 819 -4.71 -4.20 14.37
C SER A 819 -4.76 -2.80 13.79
N VAL A 820 -3.94 -1.90 14.33
CA VAL A 820 -3.97 -0.53 13.82
C VAL A 820 -3.55 -0.50 12.36
N GLY A 821 -2.52 -1.28 12.01
CA GLY A 821 -2.01 -1.29 10.66
C GLY A 821 -3.05 -1.69 9.63
N ASN A 822 -3.69 -2.82 9.89
CA ASN A 822 -4.66 -3.35 8.92
C ASN A 822 -5.74 -2.32 8.61
N PHE A 823 -6.17 -1.58 9.63
CA PHE A 823 -7.21 -0.58 9.41
C PHE A 823 -6.66 0.69 8.77
N LEU A 824 -5.38 0.98 8.97
CA LEU A 824 -4.80 2.11 8.24
C LEU A 824 -4.86 1.86 6.73
N GLY A 825 -4.80 0.60 6.31
CA GLY A 825 -4.96 0.30 4.90
C GLY A 825 -6.34 0.68 4.40
N GLY A 826 -7.37 0.32 5.15
CA GLY A 826 -8.72 0.71 4.76
C GLY A 826 -8.89 2.21 4.76
N ILE A 827 -8.24 2.89 5.68
CA ILE A 827 -8.26 4.36 5.67
C ILE A 827 -7.62 4.88 4.39
N TRP A 828 -6.42 4.38 4.07
CA TRP A 828 -5.70 4.86 2.90
C TRP A 828 -6.51 4.66 1.63
N ALA A 829 -7.01 3.44 1.42
CA ALA A 829 -7.76 3.15 0.21
C ALA A 829 -8.95 4.09 0.07
N ASN A 830 -9.61 4.38 1.18
CA ASN A 830 -10.81 5.20 1.14
C ASN A 830 -10.53 6.60 0.62
N GLU A 831 -9.37 7.15 0.96
CA GLU A 831 -9.02 8.52 0.62
C GLU A 831 -8.13 8.65 -0.61
N SER A 832 -7.68 7.53 -1.19
CA SER A 832 -6.72 7.63 -2.28
C SER A 832 -7.27 7.14 -3.61
N TRP A 833 -7.69 5.87 -3.66
CA TRP A 833 -8.03 5.26 -4.95
C TRP A 833 -9.49 4.89 -5.09
N GLY A 834 -10.22 4.67 -3.99
CA GLY A 834 -11.60 4.27 -4.13
C GLY A 834 -12.40 4.11 -2.85
N ARG A 835 -13.29 3.12 -2.86
CA ARG A 835 -14.35 3.02 -1.86
C ARG A 835 -13.87 2.89 -0.43
N TYR A 836 -13.36 1.72 -0.08
CA TYR A 836 -13.14 1.39 1.33
C TYR A 836 -12.42 0.06 1.44
N TRP A 837 -12.31 -0.48 2.65
CA TRP A 837 -12.04 -1.90 2.80
C TRP A 837 -12.84 -2.70 1.79
N GLY A 838 -12.24 -3.76 1.29
CA GLY A 838 -12.94 -4.68 0.42
C GLY A 838 -12.32 -6.06 0.49
N TRP A 839 -13.15 -7.08 0.64
CA TRP A 839 -12.62 -8.43 0.64
C TRP A 839 -11.62 -8.56 -0.50
N ASP A 840 -10.34 -8.67 -0.15
CA ASP A 840 -9.30 -8.72 -1.16
C ASP A 840 -8.15 -9.63 -0.77
N SER A 841 -7.48 -10.21 -1.76
CA SER A 841 -6.33 -11.06 -1.48
C SER A 841 -5.35 -10.36 -0.53
N LYS A 842 -4.85 -11.14 0.43
CA LYS A 842 -3.91 -10.73 1.47
C LYS A 842 -4.55 -9.85 2.53
N GLU A 843 -5.69 -9.25 2.22
CA GLU A 843 -6.39 -8.46 3.22
C GLU A 843 -7.16 -9.37 4.16
N THR A 844 -7.92 -10.30 3.60
CA THR A 844 -8.57 -11.31 4.41
C THR A 844 -7.56 -12.03 5.29
N TRP A 845 -6.36 -12.29 4.76
CA TRP A 845 -5.40 -13.07 5.55
C TRP A 845 -4.72 -12.23 6.63
N ALA A 846 -4.52 -10.94 6.41
CA ALA A 846 -4.13 -10.10 7.54
C ALA A 846 -5.21 -10.15 8.61
N LEU A 847 -6.47 -10.17 8.20
CA LEU A 847 -7.55 -10.30 9.16
C LEU A 847 -7.50 -11.65 9.86
N ILE A 848 -7.10 -12.71 9.14
CA ILE A 848 -6.97 -14.02 9.74
C ILE A 848 -5.86 -14.04 10.78
N SER A 849 -4.78 -13.33 10.50
CA SER A 849 -3.73 -13.22 11.50
C SER A 849 -4.24 -12.54 12.76
N ILE A 850 -4.96 -11.42 12.58
CA ILE A 850 -5.57 -10.77 13.74
C ILE A 850 -6.45 -11.75 14.50
N GLY A 851 -7.28 -12.50 13.77
CA GLY A 851 -8.21 -13.40 14.42
C GLY A 851 -7.51 -14.51 15.19
N VAL A 852 -6.51 -15.12 14.58
CA VAL A 852 -5.79 -16.21 15.23
C VAL A 852 -5.11 -15.72 16.48
N TYR A 853 -4.43 -14.57 16.40
CA TYR A 853 -3.74 -14.10 17.60
C TYR A 853 -4.73 -13.63 18.66
N ALA A 854 -5.91 -13.18 18.25
CA ALA A 854 -6.94 -12.90 19.24
C ALA A 854 -7.37 -14.18 19.95
N ILE A 855 -7.58 -15.24 19.17
CA ILE A 855 -7.87 -16.55 19.76
C ILE A 855 -6.82 -16.89 20.80
N ILE A 856 -5.55 -16.80 20.39
CA ILE A 856 -4.46 -17.19 21.28
C ILE A 856 -4.44 -16.45 22.62
N LEU A 857 -4.64 -15.15 22.60
CA LEU A 857 -4.55 -14.38 23.84
C LEU A 857 -5.68 -14.68 24.82
N HIS A 858 -6.92 -14.40 24.41
CA HIS A 858 -8.07 -14.59 25.34
C HIS A 858 -8.08 -16.01 25.78
N LEU A 859 -7.56 -16.88 24.92
CA LEU A 859 -7.49 -18.30 25.24
C LEU A 859 -7.25 -18.50 26.73
N ARG A 860 -6.41 -17.64 27.30
CA ARG A 860 -6.09 -17.80 28.72
C ARG A 860 -7.32 -18.19 29.54
N PHE A 861 -8.46 -17.57 29.27
CA PHE A 861 -9.61 -17.74 30.13
C PHE A 861 -10.26 -19.11 29.98
N VAL A 862 -10.04 -19.75 28.83
CA VAL A 862 -10.60 -21.08 28.61
C VAL A 862 -9.70 -22.13 29.24
N VAL A 863 -8.55 -22.36 28.64
CA VAL A 863 -7.60 -23.34 29.19
C VAL A 863 -7.42 -23.10 30.68
N PRO A 864 -7.69 -24.12 31.50
CA PRO A 864 -7.60 -23.94 32.95
C PRO A 864 -6.19 -23.91 33.49
N LYS A 865 -5.35 -24.85 33.09
CA LYS A 865 -4.00 -24.93 33.66
C LYS A 865 -2.93 -25.15 32.61
N ASN A 866 -1.71 -25.44 33.05
CA ASN A 866 -0.64 -25.71 32.11
C ASN A 866 -0.65 -24.68 31.00
N PHE A 867 -0.82 -23.42 31.36
CA PHE A 867 -0.85 -22.36 30.36
C PHE A 867 0.45 -22.26 29.57
N PRO A 868 1.60 -22.30 30.25
CA PRO A 868 2.85 -22.09 29.51
C PRO A 868 3.01 -22.94 28.26
N PHE A 869 2.89 -24.26 28.39
CA PHE A 869 3.13 -25.15 27.26
C PHE A 869 2.07 -24.97 26.18
N ILE A 870 0.81 -24.85 26.59
CA ILE A 870 -0.26 -24.54 25.66
C ILE A 870 0.07 -23.30 24.85
N PHE A 871 0.45 -22.23 25.55
CA PHE A 871 0.71 -20.95 24.90
C PHE A 871 1.91 -21.05 23.97
N ALA A 872 2.95 -21.78 24.37
CA ALA A 872 4.09 -21.96 23.50
C ALA A 872 3.69 -22.66 22.20
N SER A 873 2.95 -23.77 22.33
CA SER A 873 2.45 -24.46 21.16
C SER A 873 1.70 -23.51 20.25
N ALA A 874 0.73 -22.81 20.80
CA ALA A 874 -0.12 -21.95 19.97
C ALA A 874 0.68 -20.81 19.37
N SER A 875 1.66 -20.27 20.10
CA SER A 875 2.43 -19.15 19.60
C SER A 875 3.30 -19.56 18.43
N VAL A 876 3.82 -20.78 18.47
CA VAL A 876 4.55 -21.29 17.30
C VAL A 876 3.59 -21.54 16.15
N ILE A 877 2.45 -22.16 16.44
CA ILE A 877 1.55 -22.60 15.38
C ILE A 877 0.98 -21.39 14.63
N GLY A 878 0.52 -20.38 15.36
CA GLY A 878 -0.13 -19.25 14.75
C GLY A 878 0.75 -18.44 13.81
N PHE A 879 2.07 -18.67 13.86
CA PHE A 879 2.97 -17.92 12.99
C PHE A 879 2.71 -18.23 11.52
N PHE A 880 2.09 -19.38 11.23
CA PHE A 880 1.83 -19.72 9.85
C PHE A 880 0.85 -18.75 9.20
N SER A 881 0.02 -18.08 9.99
CA SER A 881 -0.85 -17.06 9.39
C SER A 881 -0.04 -15.90 8.84
N VAL A 882 0.94 -15.43 9.60
CA VAL A 882 1.81 -14.38 9.10
C VAL A 882 2.63 -14.88 7.92
N LEU A 883 3.12 -16.12 7.99
CA LEU A 883 3.86 -16.67 6.87
C LEU A 883 3.00 -16.69 5.61
N MET A 884 1.74 -17.09 5.75
CA MET A 884 0.82 -17.04 4.63
C MET A 884 0.72 -15.63 4.09
N THR A 885 0.32 -14.68 4.95
CA THR A 885 0.09 -13.31 4.52
C THR A 885 1.32 -12.70 3.87
N TYR A 886 2.51 -13.17 4.21
CA TYR A 886 3.73 -12.53 3.73
C TYR A 886 4.29 -13.20 2.48
N PHE A 887 4.26 -14.53 2.41
CA PHE A 887 4.82 -15.26 1.28
C PHE A 887 3.75 -15.99 0.49
N GLY A 888 2.90 -16.76 1.17
CA GLY A 888 2.13 -17.78 0.48
C GLY A 888 1.16 -17.20 -0.54
N VAL A 889 0.43 -16.15 -0.15
CA VAL A 889 -0.56 -15.58 -1.04
C VAL A 889 0.05 -15.23 -2.39
N ASN A 890 1.33 -14.85 -2.39
CA ASN A 890 2.01 -14.58 -3.65
C ASN A 890 2.14 -15.82 -4.50
N TYR A 891 2.07 -17.01 -3.90
CA TYR A 891 1.99 -18.24 -4.67
C TYR A 891 0.55 -18.62 -5.01
N TYR A 892 -0.40 -18.25 -4.17
CA TYR A 892 -1.79 -18.70 -4.29
C TYR A 892 -2.75 -17.56 -4.63
N LEU A 893 -2.30 -16.63 -5.46
CA LEU A 893 -3.16 -15.53 -5.86
C LEU A 893 -4.34 -16.06 -6.65
N PRO A 906 -0.03 -28.00 -5.82
CA PRO A 906 1.36 -27.64 -5.51
C PRO A 906 1.85 -28.25 -4.20
N VAL A 907 3.12 -28.61 -4.16
CA VAL A 907 3.69 -29.29 -2.98
C VAL A 907 5.08 -28.75 -2.68
N PRO A 908 5.20 -27.50 -2.24
CA PRO A 908 6.51 -27.00 -1.81
C PRO A 908 6.93 -27.60 -0.48
N LEU A 909 7.44 -28.83 -0.52
CA LEU A 909 7.68 -29.63 0.67
C LEU A 909 8.62 -28.98 1.67
N TRP A 910 9.22 -27.82 1.34
CA TRP A 910 9.93 -27.04 2.35
C TRP A 910 9.04 -26.78 3.56
N VAL A 911 7.77 -26.43 3.30
CA VAL A 911 6.83 -26.17 4.38
C VAL A 911 6.54 -27.46 5.14
N GLU A 912 6.55 -28.61 4.45
CA GLU A 912 6.37 -29.88 5.14
C GLU A 912 7.54 -30.17 6.06
N LEU A 913 8.76 -29.92 5.58
CA LEU A 913 9.95 -30.13 6.40
C LEU A 913 9.90 -29.26 7.65
N MET A 914 9.40 -28.03 7.51
CA MET A 914 9.24 -27.14 8.66
C MET A 914 8.20 -27.68 9.64
N VAL A 915 7.00 -27.95 9.14
CA VAL A 915 5.88 -28.27 10.02
C VAL A 915 6.07 -29.62 10.69
N ALA A 916 6.71 -30.57 10.00
CA ALA A 916 6.95 -31.87 10.62
C ALA A 916 7.87 -31.73 11.83
N GLY A 917 8.93 -30.95 11.70
CA GLY A 917 9.79 -30.70 12.84
C GLY A 917 9.06 -30.04 13.98
N ILE A 918 8.26 -29.01 13.67
CA ILE A 918 7.49 -28.36 14.73
C ILE A 918 6.59 -29.37 15.42
N ILE A 919 5.92 -30.22 14.63
CA ILE A 919 4.94 -31.14 15.17
C ILE A 919 5.60 -32.17 16.07
N LEU A 920 6.70 -32.76 15.61
CA LEU A 920 7.39 -33.76 16.42
C LEU A 920 7.95 -33.15 17.69
N LEU A 921 8.42 -31.90 17.60
CA LEU A 921 8.89 -31.22 18.80
C LEU A 921 7.77 -31.07 19.82
N ILE A 922 6.61 -30.57 19.37
CA ILE A 922 5.47 -30.46 20.27
C ILE A 922 5.12 -31.82 20.85
N ILE A 923 5.12 -32.85 20.01
CA ILE A 923 4.76 -34.20 20.45
C ILE A 923 5.62 -34.59 21.64
N ILE A 924 6.95 -34.58 21.44
CA ILE A 924 7.82 -35.06 22.50
C ILE A 924 7.73 -34.16 23.72
N ALA A 925 7.73 -32.84 23.51
CA ALA A 925 7.78 -31.93 24.66
C ALA A 925 6.54 -32.06 25.53
N SER A 926 5.40 -32.43 24.94
CA SER A 926 4.18 -32.55 25.72
C SER A 926 4.33 -33.50 26.90
N ARG A 927 5.31 -34.40 26.86
CA ARG A 927 5.43 -35.45 27.86
C ARG A 927 5.66 -34.91 29.26
N LYS A 928 6.16 -33.68 29.39
CA LYS A 928 6.53 -33.11 30.68
C LYS A 928 5.90 -31.73 30.87
N ARG A 929 4.65 -31.58 30.45
CA ARG A 929 4.01 -30.27 30.29
C ARG A 929 3.43 -29.70 31.58
N VAL A 930 3.63 -30.33 32.73
CA VAL A 930 2.96 -29.88 33.96
C VAL A 930 3.68 -28.71 34.62
N LEU A 931 3.23 -27.49 34.32
CA LEU A 931 3.65 -26.30 35.06
C LEU A 931 2.47 -25.34 35.19
N ASP A 932 2.62 -24.39 36.11
CA ASP A 932 1.60 -23.38 36.38
C ASP A 932 2.26 -22.02 36.51
N MET A 933 1.44 -20.97 36.44
CA MET A 933 1.90 -19.58 36.39
C MET A 933 1.39 -18.80 37.59
N PRO A 934 2.00 -18.97 38.76
CA PRO A 934 1.70 -18.08 39.88
C PRO A 934 2.40 -16.74 39.73
N HIS A 935 2.02 -15.76 40.55
CA HIS A 935 2.61 -14.43 40.41
C HIS A 935 3.24 -13.92 41.70
N LEU A 936 3.79 -14.82 42.51
CA LEU A 936 4.48 -14.40 43.73
C LEU A 936 5.53 -15.45 44.05
N HIS A 937 6.79 -15.14 43.78
CA HIS A 937 7.85 -16.12 43.97
C HIS A 937 9.24 -15.53 43.89
N HIS A 938 10.26 -16.36 44.08
CA HIS A 938 11.65 -15.91 44.02
C HIS A 938 12.60 -17.08 44.05
N HIS A 939 13.84 -16.86 43.61
CA HIS A 939 14.86 -17.93 43.66
C HIS A 939 14.41 -19.24 43.02
N HIS A 940 14.25 -20.30 43.80
CA HIS A 940 13.84 -21.59 43.26
C HIS A 940 12.54 -21.44 42.53
N HIS A 941 11.79 -20.40 42.86
CA HIS A 941 10.51 -20.16 42.23
C HIS A 941 10.61 -18.97 41.30
N HIS A 942 9.54 -18.60 40.62
CA HIS A 942 9.69 -17.54 39.62
C HIS A 942 10.16 -16.25 40.26
#